data_4C7V
#
_entry.id   4C7V
#
_cell.length_a   76.150
_cell.length_b   76.150
_cell.length_c   194.510
_cell.angle_alpha   90.00
_cell.angle_beta   90.00
_cell.angle_gamma   120.00
#
_symmetry.space_group_name_H-M   'P 32 2 1'
#
loop_
_entity.id
_entity.type
_entity.pdbx_description
1 polymer TRANSKETOLASE
2 water water
#
_entity_poly.entity_id   1
_entity_poly.type   'polypeptide(L)'
_entity_poly.pdbx_seq_one_letter_code
;MAHHHHHHSSGLEVLFQGPYDQVDQLGVNTLRTLSIDAIQRANSGHPGLPMGAAPMAYVLWTRHLKINPKTHMNWVNRDR
FVLSAGHGSALLYSLAHLAGYDVSMDDLKNFREWKSNTPGHPEYGCTDGVEATTGPLGQGISMAVGMAMAEAHLGKKFNR
EGYPVMDHYTYALIGDGDLMEGVASEAASLAGHLKLGKLIALYDSNGISLDGKTSASFTENVGARFEAYGWQYILVEDGF
NLEEIDKAIVQAKAESDKPTIIEIKTTIGYGSENQGTHKVHGSPLGEEGVAHAKEVYNWNYPPFTVPEEVSQRFKECLQD
KGVKAENKWNEMFEAYKKEYSDLAQKFSDGFSNKVPNTLGDILPQYGEDDSIATRAASQKAINALAKEVSSLWGGAADLA
SSNKTVIAGEGDFQPESYEGRNIWFGVREFGMACAMNGIMLHGGTRIFGSTFFVFSDYLKAAIRLSAIQKLPVIYVLTHD
SVAVGKDGPTHEPIEQLASLRTIPNVQVFRPADGNETSAAWKVALETLDKPTILVLSRQNLDTLPISKEKVFDGVEKGGY
VVQGAENEADGILIATGSEVGLALKAKEELQKKGKDVIVVSLPSWERFEAQSEEYKNTVIPPELKKRMTIEAGTTYGWAK
YAGDHGVMIGIDEFGMSAPSDIVLRELGMSVENIVDKYLEK
;
_entity_poly.pdbx_strand_id   A
#
# COMPACT_ATOMS: atom_id res chain seq x y z
N PRO A 19 -28.05 10.87 -27.12
CA PRO A 19 -26.96 10.52 -26.19
C PRO A 19 -26.59 11.64 -25.19
N TYR A 20 -25.91 12.69 -25.64
CA TYR A 20 -25.52 13.81 -24.76
C TYR A 20 -26.17 15.09 -25.21
N ASP A 21 -26.68 15.88 -24.28
CA ASP A 21 -27.40 17.07 -24.66
C ASP A 21 -26.87 18.27 -23.88
N GLN A 22 -27.58 19.38 -23.94
CA GLN A 22 -27.11 20.63 -23.37
C GLN A 22 -27.01 20.62 -21.83
N VAL A 23 -27.94 19.92 -21.15
CA VAL A 23 -27.90 19.80 -19.69
C VAL A 23 -26.57 19.17 -19.20
N ASP A 24 -26.11 18.19 -19.97
CA ASP A 24 -24.92 17.51 -19.67
C ASP A 24 -23.71 18.46 -19.65
N GLN A 25 -23.64 19.33 -20.66
CA GLN A 25 -22.61 20.37 -20.71
C GLN A 25 -22.72 21.31 -19.52
N LEU A 26 -23.94 21.62 -19.10
CA LEU A 26 -24.10 22.41 -17.89
C LEU A 26 -23.58 21.59 -16.64
N GLY A 27 -23.61 20.27 -16.75
CA GLY A 27 -23.04 19.44 -15.70
C GLY A 27 -21.52 19.54 -15.67
N VAL A 28 -20.94 19.34 -16.85
CA VAL A 28 -19.51 19.48 -17.02
C VAL A 28 -19.08 20.75 -16.40
N ASN A 29 -19.80 21.83 -16.68
CA ASN A 29 -19.44 23.14 -16.17
C ASN A 29 -19.77 23.35 -14.70
N THR A 30 -20.64 22.53 -14.15
CA THR A 30 -20.85 22.59 -12.72
C THR A 30 -19.59 22.04 -12.00
N LEU A 31 -19.06 20.94 -12.51
CA LEU A 31 -17.80 20.42 -12.00
C LEU A 31 -16.67 21.44 -12.07
N ARG A 32 -16.57 22.08 -13.24
CA ARG A 32 -15.53 23.11 -13.41
C ARG A 32 -15.64 24.22 -12.39
N THR A 33 -16.84 24.74 -12.20
CA THR A 33 -17.06 25.92 -11.37
C THR A 33 -16.94 25.62 -9.88
N LEU A 34 -17.60 24.57 -9.43
CA LEU A 34 -17.40 24.09 -8.07
C LEU A 34 -15.91 23.95 -7.70
N SER A 35 -15.18 23.26 -8.55
CA SER A 35 -13.75 23.03 -8.31
C SER A 35 -12.99 24.34 -8.17
N ILE A 36 -13.23 25.23 -9.10
CA ILE A 36 -12.58 26.52 -9.14
C ILE A 36 -12.91 27.51 -8.02
N ASP A 37 -14.17 27.54 -7.63
CA ASP A 37 -14.68 28.25 -6.46
C ASP A 37 -14.04 27.66 -5.16
N ALA A 38 -14.05 26.35 -5.04
CA ALA A 38 -13.41 25.64 -3.92
C ALA A 38 -11.94 26.06 -3.77
N ILE A 39 -11.21 25.99 -4.87
CA ILE A 39 -9.81 26.38 -4.88
C ILE A 39 -9.60 27.86 -4.54
N GLN A 40 -10.38 28.72 -5.17
CA GLN A 40 -10.30 30.15 -4.94
C GLN A 40 -10.61 30.57 -3.51
N ARG A 41 -11.66 30.01 -2.92
CA ARG A 41 -11.97 30.27 -1.53
C ARG A 41 -10.86 29.76 -0.60
N ALA A 42 -10.26 28.62 -0.92
CA ALA A 42 -9.16 28.09 -0.07
C ALA A 42 -7.89 28.93 -0.31
N ASN A 43 -7.90 29.64 -1.44
CA ASN A 43 -6.73 30.35 -1.91
C ASN A 43 -5.54 29.41 -2.02
N SER A 44 -5.81 28.20 -2.44
CA SER A 44 -4.84 27.07 -2.43
C SER A 44 -5.42 25.97 -3.30
N GLY A 45 -4.60 25.37 -4.14
CA GLY A 45 -5.06 24.27 -4.97
C GLY A 45 -4.71 24.42 -6.43
N HIS A 46 -5.27 23.52 -7.24
CA HIS A 46 -4.77 23.17 -8.59
C HIS A 46 -5.92 23.20 -9.59
N PRO A 47 -6.16 24.35 -10.23
CA PRO A 47 -7.38 24.41 -11.01
C PRO A 47 -7.30 23.82 -12.42
N GLY A 48 -6.10 23.52 -12.90
CA GLY A 48 -5.89 23.21 -14.30
C GLY A 48 -6.53 21.90 -14.72
N LEU A 49 -6.26 20.87 -13.94
CA LEU A 49 -6.82 19.57 -14.22
C LEU A 49 -8.37 19.56 -14.14
N PRO A 50 -8.97 20.07 -13.05
CA PRO A 50 -10.42 20.10 -13.08
C PRO A 50 -11.01 20.70 -14.37
N MET A 51 -10.45 21.82 -14.81
CA MET A 51 -10.96 22.57 -15.96
C MET A 51 -10.85 21.75 -17.26
N GLY A 52 -9.70 21.11 -17.45
CA GLY A 52 -9.44 20.28 -18.63
C GLY A 52 -10.01 18.89 -18.62
N ALA A 53 -10.40 18.41 -17.42
CA ALA A 53 -10.83 16.99 -17.31
C ALA A 53 -12.23 16.74 -16.78
N ALA A 54 -12.99 17.78 -16.48
CA ALA A 54 -14.41 17.60 -16.14
C ALA A 54 -15.20 16.82 -17.17
N PRO A 55 -14.97 17.10 -18.48
CA PRO A 55 -15.71 16.40 -19.53
C PRO A 55 -15.56 14.91 -19.44
N MET A 56 -14.33 14.47 -19.27
CA MET A 56 -14.05 13.04 -19.16
CA MET A 56 -13.99 13.07 -19.14
C MET A 56 -14.61 12.47 -17.88
N ALA A 57 -14.54 13.22 -16.78
CA ALA A 57 -15.00 12.70 -15.49
C ALA A 57 -16.56 12.57 -15.46
N TYR A 58 -17.20 13.61 -15.98
CA TYR A 58 -18.67 13.59 -16.26
C TYR A 58 -19.13 12.37 -17.04
N VAL A 59 -18.49 12.09 -18.16
CA VAL A 59 -18.94 10.97 -18.96
C VAL A 59 -18.80 9.71 -18.16
N LEU A 60 -17.65 9.53 -17.52
CA LEU A 60 -17.41 8.34 -16.71
C LEU A 60 -18.41 8.19 -15.57
N TRP A 61 -18.52 9.22 -14.72
CA TRP A 61 -19.32 9.06 -13.51
C TRP A 61 -20.82 8.89 -13.87
N THR A 62 -21.34 9.67 -14.82
CA THR A 62 -22.78 9.55 -15.22
C THR A 62 -23.18 8.38 -16.10
N ARG A 63 -22.36 7.97 -17.07
CA ARG A 63 -22.73 6.84 -17.95
C ARG A 63 -22.02 5.53 -17.63
N HIS A 64 -20.81 5.58 -17.05
CA HIS A 64 -19.99 4.40 -17.04
C HIS A 64 -19.43 3.88 -15.71
N LEU A 65 -19.84 4.51 -14.61
CA LEU A 65 -19.36 4.12 -13.27
C LEU A 65 -20.49 3.40 -12.54
N LYS A 66 -20.30 2.11 -12.35
CA LYS A 66 -21.33 1.35 -11.65
C LYS A 66 -21.13 1.43 -10.13
N ILE A 67 -21.63 2.50 -9.53
CA ILE A 67 -21.60 2.74 -8.10
C ILE A 67 -22.96 3.11 -7.50
N ASN A 68 -23.08 2.93 -6.18
CA ASN A 68 -24.24 3.35 -5.41
C ASN A 68 -23.86 4.06 -4.06
N PRO A 69 -23.71 5.38 -4.13
CA PRO A 69 -23.36 6.30 -3.07
C PRO A 69 -24.23 6.19 -1.83
N LYS A 70 -25.47 5.77 -2.06
CA LYS A 70 -26.44 5.55 -1.01
C LYS A 70 -25.88 4.54 0.01
N THR A 71 -25.11 3.54 -0.45
CA THR A 71 -24.42 2.63 0.46
C THR A 71 -22.92 2.93 0.59
N HIS A 72 -22.54 4.18 0.37
CA HIS A 72 -21.15 4.66 0.61
C HIS A 72 -20.14 3.81 -0.11
N MET A 73 -19.23 3.22 0.63
CA MET A 73 -18.24 2.37 0.01
C MET A 73 -18.39 0.93 0.51
N ASN A 74 -19.62 0.51 0.81
CA ASN A 74 -19.77 -0.78 1.36
C ASN A 74 -20.13 -1.82 0.31
N TRP A 75 -20.57 -1.42 -0.87
CA TRP A 75 -20.89 -2.42 -1.90
C TRP A 75 -19.64 -3.06 -2.53
N VAL A 76 -19.34 -4.29 -2.17
CA VAL A 76 -18.07 -4.88 -2.54
C VAL A 76 -17.91 -5.10 -4.02
N ASN A 77 -18.98 -4.98 -4.80
CA ASN A 77 -18.82 -5.19 -6.25
C ASN A 77 -19.02 -3.96 -7.09
N ARG A 78 -18.93 -2.79 -6.47
CA ARG A 78 -18.97 -1.52 -7.18
C ARG A 78 -17.75 -1.43 -8.09
N ASP A 79 -17.85 -0.69 -9.18
CA ASP A 79 -16.68 -0.34 -9.96
C ASP A 79 -15.80 0.55 -9.04
N ARG A 80 -14.50 0.41 -9.14
CA ARG A 80 -13.55 1.26 -8.36
C ARG A 80 -12.93 2.36 -9.21
N PHE A 81 -13.01 3.58 -8.73
CA PHE A 81 -12.41 4.69 -9.40
C PHE A 81 -11.28 5.30 -8.51
N VAL A 82 -10.13 5.55 -9.17
CA VAL A 82 -8.94 6.19 -8.60
C VAL A 82 -8.52 7.40 -9.40
N LEU A 83 -8.51 8.55 -8.78
CA LEU A 83 -7.80 9.72 -9.32
C LEU A 83 -6.32 9.60 -9.01
N SER A 84 -5.54 9.04 -9.94
CA SER A 84 -4.08 8.98 -9.75
C SER A 84 -3.41 10.38 -9.79
N ALA A 85 -3.93 11.32 -10.58
CA ALA A 85 -3.39 12.68 -10.56
C ALA A 85 -4.05 13.39 -9.39
N GLY A 86 -3.49 13.16 -8.18
CA GLY A 86 -4.12 13.45 -6.89
C GLY A 86 -4.30 14.93 -6.69
N HIS A 87 -3.46 15.71 -7.35
CA HIS A 87 -3.70 17.14 -7.35
C HIS A 87 -5.07 17.64 -7.93
N GLY A 88 -5.78 16.81 -8.68
CA GLY A 88 -7.13 17.12 -9.13
C GLY A 88 -8.21 16.95 -8.07
N SER A 89 -7.84 16.95 -6.79
CA SER A 89 -8.76 16.65 -5.71
C SER A 89 -10.09 17.48 -5.73
N ALA A 90 -10.05 18.71 -6.22
CA ALA A 90 -11.19 19.57 -6.11
C ALA A 90 -12.26 19.05 -7.06
N LEU A 91 -11.84 18.45 -8.17
CA LEU A 91 -12.76 17.75 -9.10
C LEU A 91 -13.35 16.50 -8.48
N LEU A 92 -12.52 15.77 -7.73
CA LEU A 92 -13.01 14.53 -7.14
C LEU A 92 -14.09 14.88 -6.10
N TYR A 93 -13.89 15.91 -5.32
CA TYR A 93 -14.87 16.23 -4.29
C TYR A 93 -16.16 16.74 -4.94
N SER A 94 -16.04 17.43 -6.06
CA SER A 94 -17.19 18.03 -6.72
C SER A 94 -18.00 16.91 -7.30
N LEU A 95 -17.29 15.89 -7.78
CA LEU A 95 -17.97 14.71 -8.24
C LEU A 95 -18.67 13.95 -7.10
N ALA A 96 -17.98 13.75 -5.97
CA ALA A 96 -18.50 12.98 -4.88
C ALA A 96 -19.81 13.71 -4.42
N HIS A 97 -19.80 15.04 -4.39
CA HIS A 97 -20.93 15.82 -3.95
C HIS A 97 -22.09 15.66 -4.92
N LEU A 98 -21.84 15.86 -6.20
CA LEU A 98 -22.88 15.74 -7.23
C LEU A 98 -23.46 14.36 -7.27
N ALA A 99 -22.64 13.37 -6.95
CA ALA A 99 -23.04 12.01 -7.07
C ALA A 99 -23.90 11.57 -5.90
N GLY A 100 -23.90 12.31 -4.81
CA GLY A 100 -24.63 11.88 -3.61
C GLY A 100 -23.85 11.25 -2.46
N TYR A 101 -22.52 11.35 -2.45
CA TYR A 101 -21.75 10.86 -1.32
C TYR A 101 -21.86 11.88 -0.19
N ASP A 102 -21.38 11.61 1.04
CA ASP A 102 -21.45 12.58 2.14
C ASP A 102 -20.39 13.64 2.04
N VAL A 103 -20.43 14.40 0.98
CA VAL A 103 -19.58 15.54 0.79
C VAL A 103 -20.57 16.65 0.41
N SER A 104 -20.72 17.61 1.32
CA SER A 104 -21.79 18.61 1.22
C SER A 104 -21.22 19.84 0.59
N MET A 105 -22.07 20.80 0.28
CA MET A 105 -21.59 22.05 -0.30
C MET A 105 -20.69 22.77 0.69
N ASP A 106 -21.10 22.76 1.93
CA ASP A 106 -20.28 23.31 2.99
C ASP A 106 -18.88 22.67 3.05
N ASP A 107 -18.82 21.34 2.89
CA ASP A 107 -17.54 20.61 2.80
C ASP A 107 -16.67 21.21 1.65
N LEU A 108 -17.26 21.45 0.47
CA LEU A 108 -16.53 22.04 -0.63
C LEU A 108 -16.01 23.42 -0.27
N LYS A 109 -16.77 24.16 0.53
CA LYS A 109 -16.34 25.46 1.02
C LYS A 109 -15.25 25.42 2.05
N ASN A 110 -14.92 24.23 2.52
CA ASN A 110 -13.85 24.04 3.49
C ASN A 110 -12.66 23.22 2.94
N PHE A 111 -12.48 23.27 1.63
CA PHE A 111 -11.34 22.71 0.96
C PHE A 111 -10.08 23.22 1.62
N ARG A 112 -9.24 22.27 2.00
CA ARG A 112 -7.91 22.53 2.55
C ARG A 112 -7.92 23.16 3.92
N GLU A 113 -9.11 23.22 4.54
CA GLU A 113 -9.28 23.76 5.90
C GLU A 113 -9.12 22.70 6.98
N TRP A 114 -8.64 23.12 8.14
CA TRP A 114 -8.38 22.21 9.23
C TRP A 114 -9.60 21.34 9.55
N LYS A 115 -9.36 20.03 9.66
CA LYS A 115 -10.38 19.04 9.98
C LYS A 115 -11.47 18.88 8.95
N SER A 116 -11.35 19.47 7.77
CA SER A 116 -12.36 19.28 6.78
C SER A 116 -12.31 17.84 6.26
N ASN A 117 -13.39 17.40 5.64
CA ASN A 117 -13.29 16.16 4.91
C ASN A 117 -12.94 16.44 3.49
N THR A 118 -12.42 17.63 3.21
CA THR A 118 -12.03 17.89 1.85
C THR A 118 -10.57 18.30 1.79
N PRO A 119 -9.65 17.35 2.06
CA PRO A 119 -8.24 17.79 2.24
C PRO A 119 -7.52 18.08 0.88
N GLY A 120 -6.36 18.73 0.92
CA GLY A 120 -5.59 19.12 -0.28
C GLY A 120 -5.34 18.03 -1.31
N HIS A 121 -4.98 16.86 -0.86
CA HIS A 121 -4.88 15.67 -1.75
C HIS A 121 -5.78 14.60 -1.13
N PRO A 122 -6.26 13.64 -1.94
CA PRO A 122 -7.32 12.75 -1.45
C PRO A 122 -6.81 11.76 -0.45
N GLU A 123 -7.60 11.59 0.61
CA GLU A 123 -7.21 10.70 1.69
C GLU A 123 -8.26 9.65 1.91
N TYR A 124 -7.93 8.39 1.64
CA TYR A 124 -8.80 7.30 1.89
C TYR A 124 -9.04 7.26 3.39
N GLY A 125 -10.30 7.07 3.78
CA GLY A 125 -10.67 6.97 5.19
C GLY A 125 -11.10 8.34 5.71
N CYS A 126 -10.75 9.41 4.99
CA CYS A 126 -11.15 10.77 5.40
C CYS A 126 -12.47 11.28 4.74
N THR A 127 -12.75 10.82 3.54
CA THR A 127 -13.81 11.32 2.73
C THR A 127 -14.60 10.20 2.11
N ASP A 128 -15.93 10.32 2.20
CA ASP A 128 -16.83 9.33 1.64
C ASP A 128 -16.66 9.43 0.15
N GLY A 129 -16.57 8.31 -0.50
CA GLY A 129 -16.41 8.23 -1.96
C GLY A 129 -14.94 8.19 -2.47
N VAL A 130 -13.95 8.35 -1.59
CA VAL A 130 -12.54 8.39 -2.01
C VAL A 130 -11.95 7.00 -1.83
N GLU A 131 -11.62 6.35 -2.94
CA GLU A 131 -11.11 4.95 -2.93
C GLU A 131 -9.59 4.77 -2.59
N ALA A 132 -8.84 5.85 -2.45
CA ALA A 132 -7.36 5.70 -2.34
C ALA A 132 -6.70 7.01 -2.05
N THR A 133 -5.58 6.97 -1.35
CA THR A 133 -4.83 8.14 -1.04
C THR A 133 -3.81 8.32 -2.17
N THR A 134 -3.87 9.46 -2.88
CA THR A 134 -3.09 9.57 -4.11
C THR A 134 -2.29 10.83 -4.37
N GLY A 135 -2.04 11.67 -3.40
CA GLY A 135 -0.98 12.72 -3.68
C GLY A 135 0.33 12.28 -4.39
N PRO A 136 0.97 11.21 -3.91
CA PRO A 136 2.25 10.86 -4.54
C PRO A 136 2.11 10.24 -5.92
N LEU A 137 2.77 10.84 -6.92
CA LEU A 137 2.49 10.52 -8.32
C LEU A 137 3.01 9.15 -8.70
N GLY A 138 2.31 8.54 -9.61
CA GLY A 138 2.59 7.16 -9.99
C GLY A 138 1.85 6.14 -9.22
N GLN A 139 1.53 6.41 -7.95
CA GLN A 139 1.08 5.35 -7.08
C GLN A 139 -0.39 5.05 -7.25
N GLY A 140 -1.16 6.06 -7.59
CA GLY A 140 -2.65 5.93 -7.84
C GLY A 140 -2.91 4.87 -8.86
N ILE A 141 -2.31 5.03 -10.05
CA ILE A 141 -2.54 4.02 -11.09
C ILE A 141 -1.99 2.66 -10.73
N SER A 142 -0.86 2.62 -10.05
CA SER A 142 -0.23 1.33 -9.74
C SER A 142 -1.06 0.63 -8.67
N MET A 143 -1.74 1.39 -7.83
CA MET A 143 -2.70 0.76 -6.86
C MET A 143 -3.91 0.22 -7.63
N ALA A 144 -4.35 0.98 -8.62
CA ALA A 144 -5.51 0.56 -9.40
C ALA A 144 -5.25 -0.79 -10.06
N VAL A 145 -4.01 -0.99 -10.50
CA VAL A 145 -3.62 -2.23 -11.07
C VAL A 145 -3.84 -3.36 -10.05
N GLY A 146 -3.44 -3.11 -8.80
CA GLY A 146 -3.68 -4.08 -7.73
C GLY A 146 -5.19 -4.35 -7.53
N MET A 147 -6.00 -3.29 -7.51
CA MET A 147 -7.45 -3.48 -7.37
C MET A 147 -7.97 -4.37 -8.49
N ALA A 148 -7.45 -4.16 -9.70
CA ALA A 148 -7.87 -4.97 -10.85
C ALA A 148 -7.44 -6.43 -10.74
N MET A 149 -6.23 -6.69 -10.25
CA MET A 149 -5.76 -8.05 -9.97
C MET A 149 -6.63 -8.71 -8.90
N ALA A 150 -7.07 -7.94 -7.91
CA ALA A 150 -7.90 -8.57 -6.88
C ALA A 150 -9.24 -9.01 -7.49
N GLU A 151 -9.84 -8.19 -8.35
CA GLU A 151 -11.18 -8.44 -8.92
C GLU A 151 -11.12 -9.69 -9.74
N ALA A 152 -10.00 -9.86 -10.44
CA ALA A 152 -9.78 -11.00 -11.31
C ALA A 152 -9.54 -12.22 -10.50
N HIS A 153 -8.76 -12.11 -9.44
CA HIS A 153 -8.47 -13.21 -8.59
C HIS A 153 -9.77 -13.67 -7.98
N LEU A 154 -10.48 -12.75 -7.33
CA LEU A 154 -11.71 -13.13 -6.60
C LEU A 154 -12.81 -13.68 -7.54
N GLY A 155 -13.03 -13.02 -8.68
CA GLY A 155 -13.97 -13.50 -9.66
C GLY A 155 -13.75 -14.95 -10.08
N LYS A 156 -12.51 -15.27 -10.40
CA LYS A 156 -12.19 -16.61 -10.79
C LYS A 156 -12.39 -17.58 -9.61
N LYS A 157 -12.17 -17.13 -8.39
CA LYS A 157 -12.28 -18.07 -7.25
C LYS A 157 -13.73 -18.36 -6.94
N PHE A 158 -14.61 -17.36 -7.10
CA PHE A 158 -15.95 -17.38 -6.48
C PHE A 158 -17.11 -17.38 -7.45
N ASN A 159 -16.94 -16.80 -8.63
CA ASN A 159 -18.02 -16.73 -9.59
C ASN A 159 -18.47 -18.07 -10.09
N ARG A 160 -19.72 -18.14 -10.53
CA ARG A 160 -20.30 -19.41 -11.01
C ARG A 160 -21.33 -19.14 -12.14
N GLU A 161 -21.73 -20.19 -12.84
CA GLU A 161 -22.83 -20.10 -13.81
C GLU A 161 -23.96 -19.28 -13.20
N GLY A 162 -24.39 -18.22 -13.88
CA GLY A 162 -25.41 -17.27 -13.39
C GLY A 162 -25.15 -16.55 -12.07
N TYR A 163 -23.89 -16.43 -11.63
CA TYR A 163 -23.57 -15.84 -10.34
C TYR A 163 -22.28 -15.00 -10.45
N PRO A 164 -22.36 -13.86 -11.13
CA PRO A 164 -21.25 -12.91 -11.32
C PRO A 164 -21.05 -12.06 -10.03
N VAL A 165 -20.73 -12.75 -8.93
CA VAL A 165 -20.53 -12.10 -7.64
CA VAL A 165 -20.51 -12.15 -7.62
C VAL A 165 -19.35 -11.09 -7.60
N MET A 166 -18.23 -11.39 -8.27
CA MET A 166 -17.11 -10.43 -8.36
C MET A 166 -16.94 -10.19 -9.83
N ASP A 167 -17.57 -9.12 -10.29
CA ASP A 167 -17.55 -8.71 -11.70
C ASP A 167 -17.69 -7.19 -11.74
N HIS A 168 -16.60 -6.46 -11.92
CA HIS A 168 -16.66 -5.00 -12.02
C HIS A 168 -15.44 -4.36 -12.70
N TYR A 169 -15.53 -3.07 -13.02
CA TYR A 169 -14.43 -2.36 -13.65
C TYR A 169 -13.52 -1.60 -12.64
N THR A 170 -12.30 -1.28 -13.09
CA THR A 170 -11.36 -0.48 -12.32
C THR A 170 -10.92 0.64 -13.24
N TYR A 171 -11.12 1.87 -12.80
CA TYR A 171 -10.72 2.99 -13.60
C TYR A 171 -9.69 3.80 -12.86
N ALA A 172 -8.77 4.36 -13.63
CA ALA A 172 -7.81 5.33 -13.09
C ALA A 172 -7.67 6.52 -13.98
N LEU A 173 -7.86 7.72 -13.44
CA LEU A 173 -7.59 8.96 -14.14
C LEU A 173 -6.18 9.46 -13.87
N ILE A 174 -5.37 9.59 -14.92
CA ILE A 174 -3.88 9.80 -14.81
C ILE A 174 -3.47 10.91 -15.72
N GLY A 175 -2.32 11.51 -15.45
CA GLY A 175 -1.79 12.60 -16.24
C GLY A 175 -0.33 12.31 -16.60
N ASP A 176 0.35 13.30 -17.14
CA ASP A 176 1.76 13.17 -17.57
C ASP A 176 2.70 12.78 -16.40
N GLY A 177 2.53 13.32 -15.20
CA GLY A 177 3.38 12.99 -14.06
C GLY A 177 3.39 11.51 -13.77
N ASP A 178 2.19 10.90 -13.70
CA ASP A 178 2.05 9.48 -13.47
C ASP A 178 2.86 8.69 -14.48
N LEU A 179 2.67 9.02 -15.76
CA LEU A 179 3.36 8.33 -16.83
C LEU A 179 4.91 8.51 -16.90
N MET A 180 5.41 9.58 -16.34
CA MET A 180 6.87 9.66 -16.20
C MET A 180 7.43 8.77 -15.08
N GLU A 181 6.65 8.47 -14.03
CA GLU A 181 7.19 7.75 -12.89
C GLU A 181 7.47 6.32 -13.22
N GLY A 182 8.66 5.85 -12.87
CA GLY A 182 9.03 4.44 -12.99
C GLY A 182 7.96 3.46 -12.49
N VAL A 183 7.31 3.78 -11.37
CA VAL A 183 6.48 2.78 -10.72
C VAL A 183 5.24 2.48 -11.57
N ALA A 184 4.73 3.50 -12.25
CA ALA A 184 3.62 3.33 -13.19
C ALA A 184 4.02 2.53 -14.43
N SER A 185 5.30 2.54 -14.78
CA SER A 185 5.80 1.62 -15.84
C SER A 185 5.80 0.20 -15.37
N GLU A 186 6.36 -0.02 -14.18
CA GLU A 186 6.31 -1.35 -13.60
C GLU A 186 4.84 -1.85 -13.51
N ALA A 187 3.93 -1.00 -13.07
CA ALA A 187 2.49 -1.42 -12.91
C ALA A 187 1.84 -1.70 -14.29
N ALA A 188 2.12 -0.85 -15.26
CA ALA A 188 1.54 -1.04 -16.61
C ALA A 188 2.08 -2.27 -17.28
N SER A 189 3.34 -2.61 -17.07
CA SER A 189 3.92 -3.83 -17.68
C SER A 189 3.28 -5.03 -17.04
N LEU A 190 3.06 -4.97 -15.76
CA LEU A 190 2.55 -6.11 -15.06
C LEU A 190 1.10 -6.26 -15.42
N ALA A 191 0.40 -5.15 -15.58
CA ALA A 191 -1.03 -5.22 -15.90
C ALA A 191 -1.30 -5.80 -17.36
N GLY A 192 -0.45 -5.36 -18.29
CA GLY A 192 -0.42 -5.86 -19.67
C GLY A 192 -0.16 -7.33 -19.67
N HIS A 193 0.84 -7.79 -18.93
CA HIS A 193 1.12 -9.22 -18.89
C HIS A 193 -0.03 -10.03 -18.29
N LEU A 194 -0.74 -9.46 -17.32
CA LEU A 194 -1.80 -10.21 -16.68
C LEU A 194 -3.14 -10.06 -17.42
N LYS A 195 -3.14 -9.30 -18.52
CA LYS A 195 -4.27 -9.07 -19.38
C LYS A 195 -5.53 -8.61 -18.64
N LEU A 196 -5.36 -7.60 -17.82
CA LEU A 196 -6.43 -7.22 -16.89
C LEU A 196 -7.42 -6.39 -17.68
N GLY A 197 -8.29 -7.07 -18.42
CA GLY A 197 -9.22 -6.38 -19.35
C GLY A 197 -10.31 -5.52 -18.75
N LYS A 198 -10.50 -5.65 -17.43
CA LYS A 198 -11.45 -4.83 -16.73
C LYS A 198 -10.85 -3.52 -16.24
N LEU A 199 -9.58 -3.24 -16.60
CA LEU A 199 -8.91 -2.03 -16.12
C LEU A 199 -8.84 -1.02 -17.23
N ILE A 200 -9.22 0.22 -16.94
CA ILE A 200 -9.25 1.24 -17.94
C ILE A 200 -8.63 2.54 -17.41
N ALA A 201 -7.67 3.11 -18.13
CA ALA A 201 -7.12 4.37 -17.70
C ALA A 201 -7.53 5.50 -18.58
N LEU A 202 -7.93 6.61 -17.98
CA LEU A 202 -8.20 7.82 -18.66
C LEU A 202 -7.05 8.81 -18.46
N TYR A 203 -6.38 9.08 -19.58
CA TYR A 203 -5.22 9.87 -19.59
C TYR A 203 -5.59 11.25 -20.06
N ASP A 204 -5.58 12.18 -19.11
CA ASP A 204 -5.74 13.56 -19.41
C ASP A 204 -4.40 14.11 -20.04
N SER A 205 -4.36 14.15 -21.37
CA SER A 205 -3.14 14.50 -22.11
C SER A 205 -3.28 15.90 -22.60
N ASN A 206 -2.59 16.80 -21.92
CA ASN A 206 -2.74 18.22 -22.17
C ASN A 206 -1.44 18.93 -22.56
N GLY A 207 -0.34 18.19 -22.73
CA GLY A 207 1.00 18.75 -23.02
C GLY A 207 1.64 19.66 -21.97
N ILE A 208 1.11 19.65 -20.73
CA ILE A 208 1.64 20.54 -19.72
C ILE A 208 1.91 19.77 -18.42
N SER A 209 3.08 20.02 -17.88
CA SER A 209 3.41 19.64 -16.52
C SER A 209 3.72 20.94 -15.77
N LEU A 210 4.15 20.82 -14.52
CA LEU A 210 4.22 21.94 -13.58
C LEU A 210 5.18 23.06 -14.02
N ASP A 211 6.32 22.64 -14.54
CA ASP A 211 7.44 23.54 -14.82
C ASP A 211 7.29 24.20 -16.18
N GLY A 212 6.42 23.63 -17.01
CA GLY A 212 6.27 24.08 -18.38
C GLY A 212 5.74 22.99 -19.32
N LYS A 213 6.03 23.22 -20.59
CA LYS A 213 5.65 22.27 -21.62
C LYS A 213 6.29 20.94 -21.25
N THR A 214 5.46 19.91 -21.23
CA THR A 214 5.88 18.54 -21.22
C THR A 214 6.99 18.17 -22.27
N SER A 215 6.96 18.78 -23.45
CA SER A 215 7.99 18.49 -24.43
C SER A 215 9.41 18.99 -24.00
N ALA A 216 9.54 19.75 -22.89
CA ALA A 216 10.87 20.01 -22.36
C ALA A 216 11.46 18.74 -21.73
N SER A 217 10.67 17.71 -21.39
CA SER A 217 11.27 16.49 -20.81
C SER A 217 10.64 15.20 -21.22
N PHE A 218 9.47 15.27 -21.84
CA PHE A 218 8.62 14.10 -22.04
C PHE A 218 7.93 14.14 -23.40
N THR A 219 8.56 13.57 -24.40
CA THR A 219 8.12 13.64 -25.79
C THR A 219 8.03 12.22 -26.32
N GLU A 220 8.01 11.24 -25.44
CA GLU A 220 7.88 9.85 -25.86
C GLU A 220 6.48 9.51 -26.45
N ASN A 221 6.41 8.38 -27.12
CA ASN A 221 5.13 7.96 -27.67
C ASN A 221 4.42 7.03 -26.72
N VAL A 222 3.53 7.64 -25.94
CA VAL A 222 2.85 6.96 -24.86
C VAL A 222 1.97 5.80 -25.38
N GLY A 223 1.16 6.07 -26.43
CA GLY A 223 0.33 5.03 -27.01
C GLY A 223 1.12 3.81 -27.41
N ALA A 224 2.23 4.05 -28.11
CA ALA A 224 3.06 2.93 -28.56
C ALA A 224 3.69 2.17 -27.39
N ARG A 225 4.17 2.89 -26.38
CA ARG A 225 4.69 2.18 -25.18
C ARG A 225 3.61 1.32 -24.60
N PHE A 226 2.44 1.92 -24.45
CA PHE A 226 1.36 1.14 -23.85
C PHE A 226 1.00 -0.08 -24.66
N GLU A 227 1.01 0.09 -25.99
CA GLU A 227 0.80 -1.07 -26.85
C GLU A 227 1.90 -2.08 -26.68
N ALA A 228 3.12 -1.61 -26.52
CA ALA A 228 4.24 -2.56 -26.33
C ALA A 228 4.07 -3.37 -25.02
N TYR A 229 3.35 -2.79 -24.05
CA TYR A 229 3.01 -3.55 -22.84
C TYR A 229 1.93 -4.62 -23.03
N GLY A 230 1.12 -4.51 -24.08
CA GLY A 230 -0.03 -5.46 -24.26
C GLY A 230 -1.34 -4.87 -23.82
N TRP A 231 -1.35 -3.54 -23.76
CA TRP A 231 -2.54 -2.78 -23.58
C TRP A 231 -3.14 -2.41 -24.98
N GLN A 232 -4.40 -1.98 -24.95
CA GLN A 232 -5.10 -1.36 -26.01
C GLN A 232 -4.98 0.13 -25.85
N TYR A 233 -4.73 0.80 -26.94
CA TYR A 233 -4.64 2.23 -26.90
C TYR A 233 -5.77 2.84 -27.72
N ILE A 234 -6.45 3.85 -27.18
CA ILE A 234 -7.47 4.53 -27.92
C ILE A 234 -7.18 5.98 -27.78
N LEU A 235 -7.22 6.70 -28.89
CA LEU A 235 -7.08 8.16 -28.87
C LEU A 235 -8.39 8.84 -29.02
N VAL A 236 -8.61 9.86 -28.20
CA VAL A 236 -9.73 10.78 -28.33
C VAL A 236 -9.11 12.12 -28.52
N GLU A 237 -9.12 12.52 -29.78
CA GLU A 237 -8.51 13.74 -30.19
C GLU A 237 -9.26 14.95 -29.70
N ASP A 238 -10.57 14.87 -29.56
CA ASP A 238 -11.31 16.01 -29.03
C ASP A 238 -11.84 15.64 -27.66
N GLY A 239 -11.08 16.01 -26.64
CA GLY A 239 -11.37 15.65 -25.29
C GLY A 239 -12.47 16.43 -24.63
N PHE A 240 -13.04 17.44 -25.32
CA PHE A 240 -14.29 18.05 -24.80
C PHE A 240 -15.55 17.53 -25.46
N ASN A 241 -15.40 16.51 -26.29
CA ASN A 241 -16.51 15.83 -26.93
C ASN A 241 -16.97 14.65 -26.12
N LEU A 242 -18.10 14.82 -25.43
CA LEU A 242 -18.63 13.85 -24.47
C LEU A 242 -18.95 12.56 -25.09
N GLU A 243 -19.40 12.67 -26.33
CA GLU A 243 -19.86 11.56 -27.13
C GLU A 243 -18.68 10.71 -27.49
N GLU A 244 -17.60 11.34 -27.99
CA GLU A 244 -16.42 10.56 -28.35
C GLU A 244 -15.81 9.80 -27.13
N ILE A 245 -15.87 10.42 -25.94
CA ILE A 245 -15.26 9.82 -24.73
C ILE A 245 -16.00 8.57 -24.37
N ASP A 246 -17.33 8.72 -24.31
CA ASP A 246 -18.27 7.61 -24.14
C ASP A 246 -18.00 6.43 -25.06
N LYS A 247 -17.96 6.69 -26.37
CA LYS A 247 -17.60 5.68 -27.35
C LYS A 247 -16.28 4.96 -27.01
N ALA A 248 -15.24 5.75 -26.75
CA ALA A 248 -13.90 5.18 -26.41
C ALA A 248 -14.02 4.28 -25.16
N ILE A 249 -14.75 4.73 -24.16
CA ILE A 249 -14.96 3.85 -23.02
C ILE A 249 -15.73 2.59 -23.35
N VAL A 250 -16.77 2.70 -24.18
CA VAL A 250 -17.43 1.50 -24.69
C VAL A 250 -16.47 0.53 -25.43
N GLN A 251 -15.67 1.02 -26.37
CA GLN A 251 -14.63 0.10 -27.00
C GLN A 251 -13.60 -0.43 -25.95
N ALA A 252 -13.23 0.40 -24.97
CA ALA A 252 -12.32 -0.09 -23.92
C ALA A 252 -12.95 -1.31 -23.23
N LYS A 253 -14.22 -1.18 -22.88
CA LYS A 253 -14.95 -2.31 -22.25
C LYS A 253 -15.13 -3.55 -23.14
N ALA A 254 -15.38 -3.34 -24.43
CA ALA A 254 -15.56 -4.48 -25.32
C ALA A 254 -14.28 -5.25 -25.46
N GLU A 255 -13.14 -4.53 -25.40
CA GLU A 255 -11.82 -5.18 -25.41
C GLU A 255 -11.44 -5.68 -24.03
N SER A 256 -11.92 -6.88 -23.71
CA SER A 256 -11.68 -7.44 -22.41
C SER A 256 -10.50 -8.39 -22.39
N ASP A 257 -9.71 -8.45 -23.46
CA ASP A 257 -8.52 -9.32 -23.41
C ASP A 257 -7.29 -8.53 -22.90
N LYS A 258 -7.43 -7.21 -22.86
CA LYS A 258 -6.33 -6.33 -22.62
C LYS A 258 -6.82 -5.15 -21.81
N PRO A 259 -6.01 -4.63 -20.86
CA PRO A 259 -6.35 -3.37 -20.28
C PRO A 259 -6.25 -2.25 -21.29
N THR A 260 -6.95 -1.14 -21.06
CA THR A 260 -7.00 -0.09 -22.06
C THR A 260 -6.64 1.28 -21.48
N ILE A 261 -5.88 2.05 -22.24
CA ILE A 261 -5.59 3.44 -21.92
C ILE A 261 -6.21 4.26 -23.02
N ILE A 262 -6.95 5.28 -22.59
CA ILE A 262 -7.61 6.20 -23.46
C ILE A 262 -6.93 7.53 -23.33
N GLU A 263 -6.29 8.00 -24.38
CA GLU A 263 -5.59 9.26 -24.32
C GLU A 263 -6.55 10.32 -24.75
N ILE A 264 -6.78 11.30 -23.87
CA ILE A 264 -7.84 12.27 -24.08
C ILE A 264 -7.25 13.66 -24.12
N LYS A 265 -7.26 14.26 -25.32
CA LYS A 265 -6.50 15.49 -25.55
C LYS A 265 -7.29 16.60 -25.04
N THR A 266 -6.78 17.29 -24.04
CA THR A 266 -7.56 18.32 -23.38
C THR A 266 -6.75 19.57 -23.35
N THR A 267 -7.39 20.63 -22.92
CA THR A 267 -6.74 21.90 -22.74
C THR A 267 -6.77 22.22 -21.24
N ILE A 268 -5.58 22.31 -20.65
CA ILE A 268 -5.47 22.49 -19.21
C ILE A 268 -5.87 23.91 -18.90
N GLY A 269 -6.57 24.08 -17.79
CA GLY A 269 -7.08 25.38 -17.42
C GLY A 269 -8.07 25.98 -18.41
N TYR A 270 -8.72 25.16 -19.26
CA TYR A 270 -9.75 25.66 -20.19
C TYR A 270 -10.66 26.70 -19.52
N GLY A 271 -10.57 27.94 -20.03
CA GLY A 271 -11.44 29.04 -19.62
C GLY A 271 -10.62 30.19 -19.06
N SER A 272 -9.43 29.88 -18.57
CA SER A 272 -8.51 30.93 -18.09
C SER A 272 -7.83 31.56 -19.32
N GLU A 273 -7.54 32.87 -19.25
CA GLU A 273 -6.59 33.53 -20.18
C GLU A 273 -5.28 32.67 -20.31
N ASN A 274 -4.87 32.03 -19.20
CA ASN A 274 -3.65 31.24 -19.11
C ASN A 274 -3.82 29.75 -19.49
N GLN A 275 -5.00 29.34 -19.93
CA GLN A 275 -5.20 27.98 -20.41
C GLN A 275 -4.07 27.56 -21.34
N GLY A 276 -3.74 26.27 -21.33
CA GLY A 276 -2.65 25.75 -22.14
C GLY A 276 -1.24 26.15 -21.69
N THR A 277 -1.08 26.84 -20.55
CA THR A 277 0.25 27.14 -19.95
C THR A 277 0.41 26.50 -18.56
N HIS A 278 1.66 26.46 -18.08
CA HIS A 278 1.97 25.84 -16.77
C HIS A 278 1.38 26.65 -15.63
N LYS A 279 1.12 27.94 -15.86
CA LYS A 279 0.59 28.84 -14.81
C LYS A 279 -0.74 28.39 -14.18
N VAL A 280 -1.56 27.61 -14.89
CA VAL A 280 -2.83 27.06 -14.33
C VAL A 280 -2.68 25.69 -13.66
N HIS A 281 -1.47 25.13 -13.66
CA HIS A 281 -1.27 23.83 -13.04
C HIS A 281 -1.52 23.87 -11.50
N GLY A 282 -0.81 24.75 -10.80
CA GLY A 282 -0.70 24.57 -9.36
C GLY A 282 -1.00 25.75 -8.50
N SER A 283 -1.89 26.62 -8.95
CA SER A 283 -2.20 27.85 -8.23
C SER A 283 -3.66 28.34 -8.49
N PRO A 284 -4.29 29.04 -7.53
CA PRO A 284 -5.60 29.55 -7.88
C PRO A 284 -5.55 30.51 -9.06
N LEU A 285 -6.67 30.66 -9.75
CA LEU A 285 -6.77 31.58 -10.88
C LEU A 285 -6.74 33.05 -10.44
N GLY A 286 -7.18 33.35 -9.20
CA GLY A 286 -7.46 34.73 -8.78
C GLY A 286 -8.92 35.06 -9.17
N GLU A 287 -9.54 36.03 -8.50
CA GLU A 287 -10.99 36.35 -8.73
C GLU A 287 -11.28 36.73 -10.19
N GLU A 288 -10.39 37.50 -10.81
CA GLU A 288 -10.44 37.82 -12.26
C GLU A 288 -10.52 36.61 -13.24
N GLY A 289 -9.66 35.62 -13.01
CA GLY A 289 -9.55 34.46 -13.89
C GLY A 289 -10.71 33.50 -13.73
N VAL A 290 -11.27 33.42 -12.52
CA VAL A 290 -12.49 32.68 -12.25
C VAL A 290 -13.65 33.29 -13.04
N ALA A 291 -13.74 34.61 -13.06
CA ALA A 291 -14.81 35.30 -13.81
C ALA A 291 -14.65 35.03 -15.31
N HIS A 292 -13.44 35.17 -15.80
CA HIS A 292 -13.12 34.93 -17.21
C HIS A 292 -13.41 33.51 -17.66
N ALA A 293 -13.18 32.52 -16.80
CA ALA A 293 -13.56 31.17 -17.14
C ALA A 293 -15.09 31.04 -17.16
N LYS A 294 -15.78 31.67 -16.21
CA LYS A 294 -17.26 31.64 -16.17
C LYS A 294 -17.93 32.28 -17.44
N GLU A 295 -17.48 33.48 -17.87
CA GLU A 295 -17.69 33.98 -19.27
C GLU A 295 -17.66 32.92 -20.38
N VAL A 296 -16.49 32.32 -20.59
CA VAL A 296 -16.24 31.30 -21.62
C VAL A 296 -17.23 30.18 -21.47
N TYR A 297 -17.59 29.83 -20.23
CA TYR A 297 -18.61 28.78 -20.00
C TYR A 297 -20.07 29.27 -20.15
N ASN A 298 -20.28 30.57 -20.39
CA ASN A 298 -21.63 31.16 -20.39
CA ASN A 298 -21.62 31.23 -20.33
C ASN A 298 -22.40 30.80 -19.09
N TRP A 299 -21.72 30.93 -17.96
CA TRP A 299 -22.18 30.50 -16.65
C TRP A 299 -22.54 31.69 -15.80
N ASN A 300 -23.80 31.81 -15.39
CA ASN A 300 -24.23 33.02 -14.69
C ASN A 300 -24.63 32.81 -13.24
N TYR A 301 -24.37 31.63 -12.71
CA TYR A 301 -24.82 31.35 -11.34
C TYR A 301 -23.87 31.91 -10.31
N PRO A 302 -24.40 32.17 -9.09
CA PRO A 302 -23.50 32.60 -7.99
C PRO A 302 -22.56 31.46 -7.56
N PRO A 303 -21.45 31.82 -6.89
CA PRO A 303 -20.47 30.78 -6.55
C PRO A 303 -21.12 29.66 -5.76
N PHE A 304 -20.69 28.40 -5.95
CA PHE A 304 -21.10 27.28 -5.07
C PHE A 304 -22.60 26.97 -5.17
N THR A 305 -23.05 26.90 -6.42
CA THR A 305 -24.42 26.60 -6.75
C THR A 305 -24.38 25.43 -7.67
N VAL A 306 -25.28 24.48 -7.47
CA VAL A 306 -25.56 23.45 -8.43
C VAL A 306 -26.90 23.81 -9.06
N PRO A 307 -26.98 23.84 -10.39
CA PRO A 307 -28.28 24.00 -11.07
C PRO A 307 -29.16 22.75 -10.99
N GLU A 308 -30.48 22.96 -10.95
CA GLU A 308 -31.44 21.93 -10.64
C GLU A 308 -31.40 20.81 -11.63
N GLU A 309 -31.20 21.16 -12.88
CA GLU A 309 -31.27 20.15 -13.96
C GLU A 309 -30.07 19.30 -13.82
N VAL A 310 -29.00 19.84 -13.26
CA VAL A 310 -27.74 19.01 -13.08
C VAL A 310 -27.97 17.99 -11.94
N SER A 311 -28.43 18.46 -10.78
CA SER A 311 -28.80 17.54 -9.67
C SER A 311 -29.66 16.43 -10.19
N GLN A 312 -30.60 16.76 -11.06
CA GLN A 312 -31.57 15.79 -11.54
C GLN A 312 -30.98 14.80 -12.56
N ARG A 313 -30.09 15.30 -13.37
CA ARG A 313 -29.41 14.43 -14.32
C ARG A 313 -28.51 13.36 -13.61
N PHE A 314 -27.90 13.75 -12.50
CA PHE A 314 -27.04 12.83 -11.74
C PHE A 314 -27.93 11.83 -11.04
N LYS A 315 -28.98 12.32 -10.42
CA LYS A 315 -29.96 11.43 -9.85
C LYS A 315 -30.39 10.41 -10.88
N GLU A 316 -30.86 10.92 -12.01
CA GLU A 316 -31.30 10.05 -13.10
C GLU A 316 -30.24 9.04 -13.58
N CYS A 317 -29.06 9.57 -13.88
CA CYS A 317 -28.05 8.77 -14.58
C CYS A 317 -27.32 7.83 -13.67
N LEU A 318 -27.08 8.29 -12.46
CA LEU A 318 -26.05 7.68 -11.60
C LEU A 318 -26.77 7.06 -10.40
N GLN A 319 -27.37 7.89 -9.53
CA GLN A 319 -28.04 7.36 -8.30
C GLN A 319 -29.06 6.23 -8.48
N ASP A 320 -30.13 6.46 -9.24
CA ASP A 320 -31.17 5.44 -9.43
C ASP A 320 -30.61 4.16 -10.09
N LYS A 321 -29.75 4.31 -11.09
CA LYS A 321 -29.17 3.13 -11.73
C LYS A 321 -28.33 2.32 -10.75
N GLY A 322 -27.67 3.04 -9.86
CA GLY A 322 -26.78 2.45 -8.84
C GLY A 322 -27.53 1.59 -7.85
N VAL A 323 -28.61 2.15 -7.31
CA VAL A 323 -29.50 1.41 -6.41
C VAL A 323 -30.02 0.06 -7.04
N LYS A 324 -30.38 0.09 -8.31
CA LYS A 324 -30.99 -1.08 -9.00
C LYS A 324 -29.94 -2.16 -9.31
N ALA A 325 -28.73 -1.70 -9.69
CA ALA A 325 -27.65 -2.65 -9.86
C ALA A 325 -27.28 -3.26 -8.49
N GLU A 326 -27.28 -2.51 -7.40
CA GLU A 326 -26.89 -3.13 -6.12
C GLU A 326 -27.97 -4.13 -5.65
N ASN A 327 -29.22 -3.71 -5.77
CA ASN A 327 -30.30 -4.61 -5.42
C ASN A 327 -30.31 -5.88 -6.29
N LYS A 328 -30.06 -5.76 -7.60
CA LYS A 328 -30.00 -6.96 -8.46
C LYS A 328 -28.79 -7.83 -8.06
N TRP A 329 -27.67 -7.19 -7.67
CA TRP A 329 -26.55 -7.94 -7.09
C TRP A 329 -26.92 -8.55 -5.72
N ASN A 330 -27.59 -7.82 -4.84
CA ASN A 330 -28.04 -8.45 -3.58
C ASN A 330 -28.95 -9.67 -3.77
N GLU A 331 -29.76 -9.62 -4.83
CA GLU A 331 -30.77 -10.67 -5.08
C GLU A 331 -30.01 -11.88 -5.64
N MET A 332 -29.26 -11.65 -6.72
CA MET A 332 -28.34 -12.67 -7.28
C MET A 332 -27.50 -13.28 -6.18
N PHE A 333 -27.02 -12.45 -5.25
CA PHE A 333 -26.20 -12.96 -4.15
C PHE A 333 -26.87 -13.89 -3.19
N GLU A 334 -28.10 -13.56 -2.79
CA GLU A 334 -28.86 -14.42 -1.85
C GLU A 334 -29.10 -15.84 -2.44
N ALA A 335 -29.36 -15.91 -3.75
CA ALA A 335 -29.40 -17.17 -4.50
C ALA A 335 -28.07 -17.91 -4.48
N TYR A 336 -26.97 -17.19 -4.80
CA TYR A 336 -25.61 -17.75 -4.68
C TYR A 336 -25.40 -18.41 -3.33
N LYS A 337 -25.70 -17.70 -2.26
CA LYS A 337 -25.42 -18.21 -0.93
C LYS A 337 -26.23 -19.47 -0.59
N LYS A 338 -27.33 -19.71 -1.31
CA LYS A 338 -28.12 -20.92 -1.04
C LYS A 338 -27.68 -22.10 -1.89
N GLU A 339 -27.41 -21.88 -3.18
CA GLU A 339 -26.87 -22.94 -4.03
C GLU A 339 -25.41 -23.27 -3.60
N TYR A 340 -24.57 -22.26 -3.46
CA TYR A 340 -23.14 -22.50 -3.18
C TYR A 340 -22.72 -22.03 -1.78
N SER A 341 -23.36 -22.59 -0.77
CA SER A 341 -23.27 -22.09 0.60
C SER A 341 -21.84 -21.96 1.19
N ASP A 342 -21.05 -23.02 1.14
CA ASP A 342 -19.74 -22.98 1.84
C ASP A 342 -18.80 -21.95 1.22
N LEU A 343 -18.98 -21.78 -0.08
CA LEU A 343 -18.20 -20.92 -0.91
C LEU A 343 -18.48 -19.47 -0.51
N ALA A 344 -19.76 -19.12 -0.54
CA ALA A 344 -20.19 -17.78 -0.24
C ALA A 344 -19.86 -17.39 1.20
N GLN A 345 -19.85 -18.34 2.09
CA GLN A 345 -19.29 -18.08 3.41
C GLN A 345 -17.80 -17.72 3.42
N LYS A 346 -17.02 -18.30 2.50
CA LYS A 346 -15.61 -17.95 2.41
C LYS A 346 -15.47 -16.59 1.76
N PHE A 347 -16.34 -16.32 0.82
CA PHE A 347 -16.36 -15.04 0.17
C PHE A 347 -16.62 -13.98 1.21
N SER A 348 -17.52 -14.23 2.14
CA SER A 348 -17.74 -13.24 3.18
C SER A 348 -16.62 -13.17 4.16
N ASP A 349 -16.06 -14.29 4.56
CA ASP A 349 -14.96 -14.26 5.54
C ASP A 349 -13.73 -13.51 5.00
N GLY A 350 -13.52 -13.64 3.69
CA GLY A 350 -12.48 -12.89 2.96
C GLY A 350 -12.60 -11.40 3.20
N PHE A 351 -13.82 -10.89 3.01
CA PHE A 351 -14.03 -9.44 3.11
C PHE A 351 -13.96 -8.97 4.54
N SER A 352 -14.32 -9.81 5.50
CA SER A 352 -14.37 -9.39 6.90
C SER A 352 -13.09 -9.73 7.65
N ASN A 353 -12.15 -10.42 7.02
CA ASN A 353 -10.83 -10.67 7.56
C ASN A 353 -10.88 -11.69 8.70
N LYS A 354 -11.82 -12.61 8.60
CA LYS A 354 -11.96 -13.62 9.62
C LYS A 354 -10.71 -14.41 9.64
N VAL A 355 -10.27 -14.76 10.83
CA VAL A 355 -9.10 -15.58 10.99
C VAL A 355 -9.36 -16.69 12.02
N PRO A 356 -8.75 -17.87 11.83
CA PRO A 356 -8.97 -18.88 12.90
C PRO A 356 -8.33 -18.58 14.25
N ASN A 357 -8.86 -19.25 15.28
CA ASN A 357 -8.45 -19.07 16.68
C ASN A 357 -7.34 -19.94 17.01
N THR A 358 -7.03 -20.84 16.06
CA THR A 358 -6.04 -21.87 16.22
C THR A 358 -4.68 -21.48 15.57
N LEU A 359 -4.49 -20.20 15.22
CA LEU A 359 -3.26 -19.81 14.54
C LEU A 359 -2.06 -20.30 15.31
N GLY A 360 -2.16 -20.12 16.63
CA GLY A 360 -1.15 -20.53 17.58
C GLY A 360 -0.80 -22.01 17.51
N ASP A 361 -1.69 -22.85 16.99
CA ASP A 361 -1.46 -24.30 16.90
C ASP A 361 -1.08 -24.65 15.50
N ILE A 362 -1.64 -23.94 14.54
CA ILE A 362 -1.37 -24.21 13.13
C ILE A 362 0.08 -23.93 12.76
N LEU A 363 0.64 -22.83 13.26
CA LEU A 363 1.96 -22.40 12.95
C LEU A 363 3.01 -23.38 13.49
N PRO A 364 4.12 -23.55 12.77
CA PRO A 364 5.30 -24.30 13.19
C PRO A 364 5.93 -23.82 14.46
N GLN A 365 6.49 -24.77 15.17
CA GLN A 365 7.01 -24.61 16.49
C GLN A 365 8.41 -25.26 16.42
N TYR A 366 9.38 -24.76 17.19
CA TYR A 366 10.75 -25.23 17.08
C TYR A 366 11.28 -25.60 18.44
N GLY A 367 11.99 -26.72 18.45
CA GLY A 367 12.57 -27.29 19.67
C GLY A 367 13.95 -26.72 19.90
N GLU A 368 14.41 -26.84 21.12
CA GLU A 368 15.64 -26.22 21.52
C GLU A 368 16.84 -26.55 20.66
N ASP A 369 16.84 -27.66 19.94
CA ASP A 369 17.96 -27.93 19.05
C ASP A 369 17.84 -27.44 17.62
N ASP A 370 16.68 -26.94 17.22
CA ASP A 370 16.48 -26.60 15.82
C ASP A 370 17.35 -25.40 15.43
N SER A 371 17.81 -25.40 14.19
CA SER A 371 18.61 -24.36 13.62
C SER A 371 17.96 -24.08 12.29
N ILE A 372 17.52 -22.84 12.10
CA ILE A 372 16.79 -22.49 10.89
C ILE A 372 16.92 -21.01 10.63
N ALA A 373 16.99 -20.63 9.36
CA ALA A 373 17.03 -19.21 9.05
C ALA A 373 15.63 -18.61 9.21
N THR A 374 15.50 -17.38 9.65
CA THR A 374 14.17 -16.83 9.74
C THR A 374 13.45 -16.73 8.41
N ARG A 375 14.16 -16.60 7.31
CA ARG A 375 13.46 -16.62 6.03
C ARG A 375 12.83 -17.99 5.81
N ALA A 376 13.49 -19.08 6.24
CA ALA A 376 12.94 -20.40 6.03
C ALA A 376 11.80 -20.65 7.00
N ALA A 377 11.93 -20.20 8.24
CA ALA A 377 10.83 -20.34 9.19
C ALA A 377 9.59 -19.56 8.71
N SER A 378 9.82 -18.44 8.05
CA SER A 378 8.73 -17.69 7.45
C SER A 378 8.08 -18.47 6.30
N GLN A 379 8.90 -19.09 5.51
CA GLN A 379 8.38 -19.95 4.41
C GLN A 379 7.52 -21.06 4.99
N LYS A 380 7.93 -21.65 6.13
CA LYS A 380 7.11 -22.71 6.72
C LYS A 380 5.80 -22.18 7.29
N ALA A 381 5.81 -20.97 7.81
CA ALA A 381 4.55 -20.36 8.31
C ALA A 381 3.63 -20.11 7.13
N ILE A 382 4.16 -19.59 6.04
CA ILE A 382 3.36 -19.31 4.88
C ILE A 382 2.62 -20.56 4.43
N ASN A 383 3.32 -21.68 4.33
CA ASN A 383 2.69 -22.89 3.82
C ASN A 383 1.71 -23.46 4.80
N ALA A 384 2.03 -23.40 6.09
CA ALA A 384 1.09 -23.90 7.09
C ALA A 384 -0.16 -23.01 7.13
N LEU A 385 0.02 -21.71 6.94
CA LEU A 385 -1.11 -20.79 6.91
C LEU A 385 -2.00 -20.87 5.69
N ALA A 386 -1.45 -21.27 4.56
CA ALA A 386 -2.20 -21.16 3.35
C ALA A 386 -3.42 -22.09 3.28
N LYS A 387 -3.39 -23.19 4.01
CA LYS A 387 -4.48 -24.18 3.93
C LYS A 387 -5.62 -23.62 4.78
N GLU A 388 -5.28 -23.15 5.97
CA GLU A 388 -6.25 -22.61 6.93
C GLU A 388 -6.76 -21.17 6.71
N VAL A 389 -5.95 -20.27 6.11
CA VAL A 389 -6.38 -18.92 5.76
C VAL A 389 -6.50 -18.81 4.24
N SER A 390 -7.66 -19.12 3.71
CA SER A 390 -7.79 -19.38 2.29
C SER A 390 -7.75 -18.09 1.45
N SER A 391 -7.88 -16.96 2.12
CA SER A 391 -7.84 -15.66 1.47
C SER A 391 -6.35 -15.10 1.35
N LEU A 392 -5.38 -15.85 1.82
CA LEU A 392 -4.00 -15.44 1.81
C LEU A 392 -3.40 -15.77 0.47
N TRP A 393 -2.84 -14.78 -0.20
CA TRP A 393 -2.01 -14.98 -1.39
C TRP A 393 -0.88 -13.94 -1.40
N GLY A 394 0.00 -14.03 -2.39
CA GLY A 394 1.18 -13.20 -2.40
C GLY A 394 2.27 -13.69 -3.34
N GLY A 395 3.39 -13.02 -3.29
CA GLY A 395 4.53 -13.39 -4.06
C GLY A 395 5.75 -12.53 -3.77
N ALA A 396 6.72 -12.56 -4.69
CA ALA A 396 8.04 -11.98 -4.52
C ALA A 396 8.34 -11.17 -5.74
N ALA A 397 9.25 -10.21 -5.57
CA ALA A 397 9.73 -9.46 -6.70
C ALA A 397 10.90 -10.22 -7.36
N ASP A 398 10.58 -11.15 -8.27
CA ASP A 398 11.52 -12.18 -8.83
C ASP A 398 12.59 -12.71 -7.87
N LEU A 399 12.17 -12.92 -6.62
CA LEU A 399 13.01 -13.52 -5.56
C LEU A 399 12.26 -14.54 -4.64
N ALA A 400 11.19 -15.16 -5.12
CA ALA A 400 10.50 -16.22 -4.38
C ALA A 400 11.44 -17.32 -3.83
N SER A 401 12.43 -17.70 -4.65
CA SER A 401 13.38 -18.79 -4.37
C SER A 401 14.49 -18.34 -3.38
N SER A 402 14.71 -17.02 -3.31
CA SER A 402 15.77 -16.46 -2.44
C SER A 402 15.11 -16.03 -1.10
N ASN A 403 14.14 -15.11 -1.16
CA ASN A 403 13.24 -14.80 -0.02
C ASN A 403 12.56 -16.02 0.68
N LYS A 404 12.18 -17.03 -0.11
CA LYS A 404 11.39 -18.25 0.34
C LYS A 404 9.88 -17.91 0.49
N THR A 405 9.27 -17.54 -0.63
CA THR A 405 7.89 -17.03 -0.59
C THR A 405 6.96 -17.67 -1.65
N VAL A 406 7.28 -18.95 -1.97
CA VAL A 406 6.44 -19.85 -2.77
C VAL A 406 5.32 -20.41 -1.88
N ILE A 407 4.06 -20.24 -2.27
CA ILE A 407 3.01 -20.97 -1.55
C ILE A 407 2.90 -22.35 -2.22
N ALA A 408 3.42 -23.40 -1.59
CA ALA A 408 3.54 -24.72 -2.22
C ALA A 408 2.19 -25.25 -2.72
N GLY A 409 2.10 -25.49 -4.02
CA GLY A 409 1.03 -26.29 -4.65
C GLY A 409 -0.29 -25.53 -4.68
N GLU A 410 -0.22 -24.20 -4.70
CA GLU A 410 -1.40 -23.36 -4.70
C GLU A 410 -1.56 -22.55 -5.98
N GLY A 411 -0.71 -22.80 -6.96
CA GLY A 411 -0.94 -22.33 -8.32
C GLY A 411 -0.36 -20.98 -8.57
N ASP A 412 -0.22 -20.62 -9.83
CA ASP A 412 0.30 -19.35 -10.18
C ASP A 412 -0.78 -18.47 -10.71
N PHE A 413 -0.68 -17.20 -10.38
CA PHE A 413 -1.59 -16.18 -10.76
C PHE A 413 -1.21 -15.75 -12.13
N GLN A 414 -1.99 -16.16 -13.11
CA GLN A 414 -1.80 -15.82 -14.51
C GLN A 414 -3.19 -15.74 -15.18
N PRO A 415 -3.27 -15.16 -16.37
CA PRO A 415 -4.56 -15.00 -17.04
C PRO A 415 -5.33 -16.32 -17.26
N GLU A 416 -4.61 -17.35 -17.66
CA GLU A 416 -5.23 -18.62 -17.85
C GLU A 416 -5.51 -19.29 -16.53
N SER A 417 -5.01 -18.74 -15.40
CA SER A 417 -5.34 -19.28 -14.04
C SER A 417 -5.40 -18.21 -12.94
N TYR A 418 -6.29 -17.26 -13.13
CA TYR A 418 -6.51 -16.20 -12.17
C TYR A 418 -6.81 -16.67 -10.75
N GLU A 419 -7.11 -17.96 -10.53
CA GLU A 419 -7.25 -18.48 -9.14
C GLU A 419 -5.94 -18.78 -8.39
N GLY A 420 -4.86 -18.96 -9.13
CA GLY A 420 -3.53 -19.17 -8.56
C GLY A 420 -3.15 -18.08 -7.56
N ARG A 421 -2.55 -18.52 -6.47
CA ARG A 421 -2.30 -17.70 -5.32
C ARG A 421 -0.84 -17.21 -5.22
N ASN A 422 0.05 -17.63 -6.13
CA ASN A 422 1.43 -17.16 -6.17
C ASN A 422 1.55 -16.10 -7.27
N ILE A 423 1.77 -14.85 -6.88
CA ILE A 423 1.94 -13.75 -7.77
C ILE A 423 3.42 -13.59 -8.10
N TRP A 424 3.69 -13.45 -9.39
CA TRP A 424 5.03 -13.25 -9.92
C TRP A 424 5.14 -11.81 -10.30
N PHE A 425 5.60 -11.02 -9.34
CA PHE A 425 5.66 -9.61 -9.57
C PHE A 425 6.81 -9.22 -10.50
N GLY A 426 7.77 -10.11 -10.73
CA GLY A 426 8.93 -9.69 -11.50
C GLY A 426 9.78 -8.74 -10.66
N VAL A 427 10.73 -8.09 -11.31
CA VAL A 427 11.76 -7.29 -10.62
C VAL A 427 11.21 -5.88 -10.56
N ARG A 428 10.22 -5.75 -9.64
CA ARG A 428 9.34 -4.59 -9.59
C ARG A 428 8.94 -4.38 -8.15
N GLU A 429 9.91 -3.98 -7.33
CA GLU A 429 9.63 -3.80 -5.93
C GLU A 429 8.55 -2.77 -5.67
N PHE A 430 8.67 -1.61 -6.29
CA PHE A 430 7.80 -0.52 -5.97
C PHE A 430 6.41 -0.86 -6.53
N GLY A 431 6.35 -1.36 -7.75
CA GLY A 431 5.08 -1.73 -8.34
C GLY A 431 4.39 -2.85 -7.57
N MET A 432 5.18 -3.78 -7.04
CA MET A 432 4.65 -4.81 -6.21
C MET A 432 3.93 -4.19 -4.99
N ALA A 433 4.62 -3.29 -4.30
CA ALA A 433 4.09 -2.70 -3.07
C ALA A 433 2.77 -1.95 -3.33
N CYS A 434 2.75 -1.11 -4.35
CA CYS A 434 1.61 -0.39 -4.73
C CYS A 434 0.48 -1.36 -5.13
N ALA A 435 0.82 -2.45 -5.82
CA ALA A 435 -0.21 -3.37 -6.15
C ALA A 435 -0.83 -3.97 -4.86
N MET A 436 -0.01 -4.23 -3.86
CA MET A 436 -0.47 -4.79 -2.64
C MET A 436 -1.37 -3.80 -1.93
N ASN A 437 -1.04 -2.53 -2.02
CA ASN A 437 -1.99 -1.54 -1.49
C ASN A 437 -3.37 -1.59 -2.15
N GLY A 438 -3.38 -1.58 -3.50
CA GLY A 438 -4.63 -1.73 -4.23
C GLY A 438 -5.39 -3.04 -3.89
N ILE A 439 -4.67 -4.14 -3.78
CA ILE A 439 -5.27 -5.40 -3.44
C ILE A 439 -6.03 -5.26 -2.10
N MET A 440 -5.42 -4.58 -1.16
CA MET A 440 -5.98 -4.40 0.16
C MET A 440 -7.06 -3.30 0.20
N LEU A 441 -6.98 -2.31 -0.66
CA LEU A 441 -8.07 -1.36 -0.73
C LEU A 441 -9.31 -2.07 -1.29
N HIS A 442 -9.09 -2.96 -2.25
CA HIS A 442 -10.17 -3.71 -2.84
C HIS A 442 -10.94 -4.53 -1.84
N GLY A 443 -10.22 -5.17 -0.96
CA GLY A 443 -10.87 -6.00 0.05
C GLY A 443 -10.93 -7.43 -0.44
N GLY A 444 -11.13 -8.35 0.50
CA GLY A 444 -11.44 -9.72 0.15
C GLY A 444 -10.31 -10.72 0.29
N THR A 445 -9.06 -10.25 0.40
CA THR A 445 -7.92 -11.12 0.67
C THR A 445 -6.92 -10.54 1.66
N ARG A 446 -5.96 -11.36 2.11
CA ARG A 446 -4.74 -10.92 2.79
C ARG A 446 -3.56 -11.14 1.83
N ILE A 447 -2.79 -10.10 1.61
CA ILE A 447 -1.65 -10.15 0.67
C ILE A 447 -0.30 -10.07 1.44
N PHE A 448 0.74 -10.72 0.92
CA PHE A 448 2.15 -10.50 1.32
C PHE A 448 3.01 -10.44 0.12
N GLY A 449 4.13 -9.72 0.26
CA GLY A 449 5.06 -9.52 -0.81
C GLY A 449 6.46 -9.45 -0.25
N SER A 450 7.42 -10.09 -0.95
CA SER A 450 8.77 -10.21 -0.51
C SER A 450 9.78 -9.62 -1.50
N THR A 451 10.85 -9.07 -0.94
CA THR A 451 12.04 -8.79 -1.65
C THR A 451 13.18 -8.74 -0.61
N PHE A 452 14.38 -8.40 -1.07
CA PHE A 452 15.52 -8.22 -0.15
C PHE A 452 15.40 -6.94 0.65
N PHE A 453 15.74 -6.98 1.92
CA PHE A 453 15.59 -5.85 2.82
C PHE A 453 16.32 -4.65 2.34
N VAL A 454 17.49 -4.86 1.77
CA VAL A 454 18.31 -3.70 1.27
C VAL A 454 17.57 -2.93 0.19
N PHE A 455 16.76 -3.65 -0.62
CA PHE A 455 15.89 -3.04 -1.61
C PHE A 455 14.51 -2.56 -1.15
N SER A 456 14.30 -2.47 0.15
CA SER A 456 13.10 -1.86 0.67
C SER A 456 13.18 -0.40 0.37
N ASP A 457 14.37 0.13 0.20
CA ASP A 457 14.53 1.53 -0.27
C ASP A 457 13.73 1.80 -1.57
N TYR A 458 13.66 0.82 -2.44
CA TYR A 458 12.94 0.95 -3.73
C TYR A 458 11.41 1.13 -3.57
N LEU A 459 10.84 0.51 -2.54
CA LEU A 459 9.39 0.55 -2.27
C LEU A 459 8.95 1.31 -1.03
N LYS A 460 9.90 2.00 -0.39
CA LYS A 460 9.69 2.72 0.83
C LYS A 460 8.50 3.70 0.71
N ALA A 461 8.37 4.41 -0.42
CA ALA A 461 7.22 5.32 -0.58
C ALA A 461 5.87 4.61 -0.61
N ALA A 462 5.86 3.34 -0.98
CA ALA A 462 4.59 2.62 -0.93
C ALA A 462 4.31 2.10 0.49
N ILE A 463 5.34 1.72 1.19
CA ILE A 463 5.14 1.36 2.59
C ILE A 463 4.52 2.60 3.24
N ARG A 464 5.05 3.78 2.94
CA ARG A 464 4.52 4.94 3.52
C ARG A 464 3.01 5.00 3.26
N LEU A 465 2.56 4.72 2.05
CA LEU A 465 1.12 4.75 1.73
C LEU A 465 0.26 3.66 2.37
N SER A 466 0.83 2.50 2.62
CA SER A 466 0.17 1.46 3.43
C SER A 466 -0.11 2.01 4.82
N ALA A 467 0.85 2.71 5.40
CA ALA A 467 0.72 3.25 6.69
C ALA A 467 -0.34 4.32 6.77
N ILE A 468 -0.28 5.26 5.86
CA ILE A 468 -1.29 6.36 5.78
C ILE A 468 -2.69 5.84 5.59
N GLN A 469 -2.85 4.87 4.69
CA GLN A 469 -4.14 4.32 4.41
C GLN A 469 -4.55 3.20 5.44
N LYS A 470 -3.68 2.87 6.40
CA LYS A 470 -3.97 1.88 7.40
C LYS A 470 -4.24 0.49 6.84
N LEU A 471 -3.44 0.04 5.89
CA LEU A 471 -3.68 -1.20 5.25
C LEU A 471 -2.75 -2.25 5.80
N PRO A 472 -3.29 -3.42 6.19
CA PRO A 472 -2.49 -4.47 6.79
C PRO A 472 -1.85 -5.35 5.78
N VAL A 473 -1.17 -4.70 4.85
CA VAL A 473 -0.24 -5.34 3.96
C VAL A 473 0.91 -6.00 4.74
N ILE A 474 1.34 -7.16 4.30
CA ILE A 474 2.45 -7.80 4.94
C ILE A 474 3.69 -7.83 4.00
N TYR A 475 4.79 -7.24 4.48
CA TYR A 475 6.03 -7.12 3.75
C TYR A 475 7.00 -8.12 4.34
N VAL A 476 7.55 -8.95 3.49
CA VAL A 476 8.45 -10.01 3.88
C VAL A 476 9.83 -9.61 3.31
N LEU A 477 10.71 -9.16 4.19
CA LEU A 477 11.96 -8.55 3.76
C LEU A 477 13.08 -9.43 4.26
N THR A 478 13.82 -10.06 3.34
CA THR A 478 14.77 -11.08 3.73
C THR A 478 16.19 -10.57 3.60
N HIS A 479 17.18 -11.38 3.97
CA HIS A 479 18.59 -11.04 3.79
C HIS A 479 18.89 -9.77 4.59
N ASP A 480 18.66 -9.85 5.89
CA ASP A 480 18.51 -8.64 6.69
C ASP A 480 19.80 -7.94 7.16
N SER A 481 20.98 -8.44 6.85
CA SER A 481 22.19 -7.84 7.47
C SER A 481 23.43 -8.15 6.69
N VAL A 482 24.56 -7.64 7.20
CA VAL A 482 25.86 -7.90 6.61
C VAL A 482 26.22 -9.40 6.63
N ALA A 483 25.44 -10.19 7.37
CA ALA A 483 25.60 -11.63 7.35
C ALA A 483 25.37 -12.24 5.95
N VAL A 484 24.76 -11.48 5.05
CA VAL A 484 24.61 -11.85 3.65
C VAL A 484 25.99 -12.20 3.02
N GLY A 485 27.02 -11.46 3.31
CA GLY A 485 28.35 -11.91 2.99
C GLY A 485 28.90 -11.58 1.60
N LYS A 486 28.89 -12.58 0.72
CA LYS A 486 29.75 -12.51 -0.47
C LYS A 486 29.23 -11.53 -1.49
N ASP A 487 27.90 -11.30 -1.48
CA ASP A 487 27.26 -10.39 -2.45
C ASP A 487 27.69 -8.96 -2.21
N GLY A 488 28.18 -8.67 -1.01
CA GLY A 488 28.87 -7.38 -0.77
C GLY A 488 28.01 -6.20 -0.41
N PRO A 489 28.62 -4.99 -0.38
CA PRO A 489 27.94 -3.88 0.30
C PRO A 489 26.57 -3.46 -0.20
N THR A 490 26.37 -3.45 -1.53
CA THR A 490 25.13 -3.03 -2.11
C THR A 490 23.96 -3.96 -1.72
N HIS A 491 24.30 -5.14 -1.22
CA HIS A 491 23.34 -6.16 -0.87
C HIS A 491 23.29 -6.41 0.62
N GLU A 492 23.95 -5.56 1.39
CA GLU A 492 24.00 -5.77 2.83
C GLU A 492 23.37 -4.55 3.55
N PRO A 493 22.18 -4.75 4.14
CA PRO A 493 21.50 -3.66 4.82
C PRO A 493 22.32 -3.06 5.94
N ILE A 494 22.18 -1.75 6.13
CA ILE A 494 22.71 -1.09 7.30
C ILE A 494 21.65 -0.20 7.98
N GLU A 495 21.09 0.70 7.17
CA GLU A 495 20.27 1.72 7.65
C GLU A 495 18.80 1.45 7.48
N GLN A 496 18.45 0.24 7.04
CA GLN A 496 17.05 0.01 6.58
C GLN A 496 16.08 -0.24 7.73
N LEU A 497 16.56 -0.71 8.86
CA LEU A 497 15.66 -0.79 10.03
C LEU A 497 15.21 0.60 10.51
N ALA A 498 16.15 1.52 10.50
CA ALA A 498 15.85 2.92 10.85
C ALA A 498 14.89 3.49 9.85
N SER A 499 15.13 3.15 8.62
CA SER A 499 14.22 3.62 7.54
C SER A 499 12.75 3.27 7.80
N LEU A 500 12.47 2.03 8.19
CA LEU A 500 11.10 1.56 8.31
C LEU A 500 10.50 1.75 9.70
N ARG A 501 11.30 1.64 10.73
CA ARG A 501 10.81 1.86 12.11
C ARG A 501 10.30 3.25 12.36
N THR A 502 10.83 4.22 11.61
CA THR A 502 10.45 5.61 11.78
C THR A 502 9.16 5.99 11.06
N ILE A 503 8.69 5.11 10.16
CA ILE A 503 7.46 5.44 9.39
C ILE A 503 6.29 5.34 10.37
N PRO A 504 5.56 6.43 10.59
CA PRO A 504 4.47 6.27 11.53
C PRO A 504 3.44 5.17 11.08
N ASN A 505 2.71 4.65 12.07
CA ASN A 505 1.75 3.59 11.85
C ASN A 505 2.27 2.40 11.03
N VAL A 506 3.44 1.92 11.39
CA VAL A 506 3.85 0.59 10.98
C VAL A 506 4.29 -0.23 12.13
N GLN A 507 4.31 -1.56 11.97
CA GLN A 507 5.07 -2.36 12.96
C GLN A 507 6.12 -3.23 12.28
N VAL A 508 7.37 -3.11 12.74
CA VAL A 508 8.49 -3.87 12.19
C VAL A 508 8.94 -4.92 13.21
N PHE A 509 8.86 -6.19 12.79
CA PHE A 509 9.36 -7.33 13.56
C PHE A 509 10.64 -7.92 12.99
N ARG A 510 11.68 -8.03 13.80
CA ARG A 510 12.94 -8.66 13.45
C ARG A 510 13.13 -9.95 14.34
N PRO A 511 12.52 -11.07 13.92
CA PRO A 511 12.47 -12.23 14.74
C PRO A 511 13.83 -12.86 14.97
N ALA A 512 14.01 -13.39 16.16
CA ALA A 512 15.34 -13.90 16.63
C ALA A 512 15.51 -15.40 16.43
N ASP A 513 14.43 -16.10 16.07
CA ASP A 513 14.47 -17.56 15.80
C ASP A 513 13.14 -17.92 15.12
N GLY A 514 12.96 -19.20 14.84
CA GLY A 514 11.74 -19.68 14.26
C GLY A 514 10.46 -19.49 15.06
N ASN A 515 10.49 -19.70 16.37
CA ASN A 515 9.28 -19.43 17.20
C ASN A 515 8.90 -17.95 17.14
N GLU A 516 9.86 -17.01 17.32
CA GLU A 516 9.57 -15.58 17.13
C GLU A 516 9.05 -15.33 15.73
N THR A 517 9.54 -16.08 14.74
CA THR A 517 9.08 -15.86 13.38
C THR A 517 7.60 -16.32 13.21
N SER A 518 7.31 -17.52 13.66
CA SER A 518 5.86 -17.92 13.76
C SER A 518 5.00 -16.92 14.51
N ALA A 519 5.47 -16.43 15.66
CA ALA A 519 4.69 -15.52 16.44
C ALA A 519 4.48 -14.19 15.67
N ALA A 520 5.50 -13.77 14.92
CA ALA A 520 5.37 -12.56 14.15
C ALA A 520 4.34 -12.71 13.06
N TRP A 521 4.28 -13.83 12.36
CA TRP A 521 3.24 -14.07 11.36
C TRP A 521 1.81 -14.04 11.95
N LYS A 522 1.63 -14.66 13.11
CA LYS A 522 0.33 -14.60 13.82
C LYS A 522 -0.11 -13.12 14.09
N VAL A 523 0.81 -12.36 14.65
CA VAL A 523 0.55 -10.95 14.88
C VAL A 523 0.23 -10.22 13.59
N ALA A 524 0.95 -10.53 12.55
CA ALA A 524 0.69 -9.88 11.28
C ALA A 524 -0.76 -10.21 10.79
N LEU A 525 -1.25 -11.44 11.01
CA LEU A 525 -2.60 -11.78 10.60
C LEU A 525 -3.62 -11.07 11.45
N GLU A 526 -3.36 -10.97 12.72
CA GLU A 526 -4.31 -10.32 13.70
C GLU A 526 -4.26 -8.81 13.66
N THR A 527 -3.27 -8.19 13.00
CA THR A 527 -3.21 -6.71 12.96
C THR A 527 -3.84 -6.18 11.66
N LEU A 528 -4.92 -5.40 11.81
CA LEU A 528 -5.74 -5.06 10.65
C LEU A 528 -5.69 -3.60 10.25
N ASP A 529 -5.04 -2.75 11.04
CA ASP A 529 -5.05 -1.28 10.82
C ASP A 529 -3.67 -0.68 10.56
N LYS A 530 -2.66 -1.50 10.30
CA LYS A 530 -1.34 -0.98 9.91
C LYS A 530 -0.55 -2.10 9.20
N PRO A 531 0.40 -1.76 8.34
CA PRO A 531 1.15 -2.84 7.72
C PRO A 531 2.12 -3.48 8.71
N THR A 532 2.38 -4.75 8.54
CA THR A 532 3.37 -5.45 9.29
C THR A 532 4.56 -5.80 8.42
N ILE A 533 5.75 -5.49 8.94
CA ILE A 533 7.01 -5.73 8.20
C ILE A 533 7.82 -6.72 8.95
N LEU A 534 8.13 -7.83 8.31
CA LEU A 534 8.95 -8.88 8.85
C LEU A 534 10.32 -8.81 8.24
N VAL A 535 11.32 -8.76 9.09
CA VAL A 535 12.71 -8.64 8.72
C VAL A 535 13.46 -9.91 9.07
N LEU A 536 13.95 -10.58 8.04
CA LEU A 536 14.35 -11.97 8.15
C LEU A 536 15.80 -12.24 7.71
N SER A 537 16.41 -13.24 8.35
CA SER A 537 17.79 -13.59 8.11
C SER A 537 18.00 -14.51 6.94
N ARG A 538 19.19 -14.41 6.34
CA ARG A 538 19.61 -15.38 5.35
C ARG A 538 20.19 -16.59 6.01
N GLN A 539 21.03 -16.37 7.00
CA GLN A 539 21.75 -17.48 7.67
C GLN A 539 20.90 -18.15 8.76
N ASN A 540 21.26 -19.38 9.06
CA ASN A 540 20.60 -20.10 10.12
C ASN A 540 20.82 -19.50 11.50
N LEU A 541 19.78 -19.55 12.32
CA LEU A 541 19.87 -19.11 13.71
C LEU A 541 19.42 -20.22 14.62
N ASP A 542 20.02 -20.31 15.79
CA ASP A 542 19.60 -21.29 16.80
C ASP A 542 18.26 -20.92 17.46
N THR A 543 17.59 -21.91 18.00
CA THR A 543 16.38 -21.68 18.70
C THR A 543 16.64 -21.16 20.11
N LEU A 544 15.86 -20.18 20.54
CA LEU A 544 16.05 -19.54 21.84
C LEU A 544 15.69 -20.52 22.97
N PRO A 545 16.47 -20.52 24.06
CA PRO A 545 16.30 -21.51 25.09
C PRO A 545 15.20 -21.15 26.12
N ILE A 546 13.93 -21.13 25.67
CA ILE A 546 12.76 -20.86 26.48
C ILE A 546 11.54 -21.35 25.73
N SER A 547 10.40 -21.48 26.40
CA SER A 547 9.20 -22.09 25.79
C SER A 547 8.53 -21.31 24.65
N LYS A 548 7.86 -22.04 23.75
CA LYS A 548 6.93 -21.48 22.81
C LYS A 548 5.94 -20.48 23.46
N GLU A 549 5.44 -20.81 24.63
CA GLU A 549 4.38 -20.03 25.25
C GLU A 549 4.88 -18.66 25.52
N LYS A 550 6.05 -18.60 26.17
CA LYS A 550 6.71 -17.36 26.55
C LYS A 550 7.17 -16.50 25.31
N VAL A 551 7.65 -17.15 24.25
CA VAL A 551 8.06 -16.42 23.04
C VAL A 551 6.86 -15.75 22.40
N PHE A 552 5.77 -16.49 22.25
CA PHE A 552 4.54 -15.92 21.69
C PHE A 552 3.99 -14.76 22.51
N ASP A 553 3.98 -14.90 23.85
CA ASP A 553 3.61 -13.79 24.74
C ASP A 553 4.52 -12.64 24.51
N GLY A 554 5.85 -12.89 24.53
CA GLY A 554 6.85 -11.85 24.38
C GLY A 554 6.75 -11.12 23.04
N VAL A 555 6.55 -11.87 21.98
CA VAL A 555 6.47 -11.23 20.65
C VAL A 555 5.18 -10.41 20.49
N GLU A 556 4.05 -10.94 20.93
CA GLU A 556 2.81 -10.19 20.99
C GLU A 556 3.03 -8.88 21.72
N LYS A 557 3.99 -8.83 22.62
CA LYS A 557 4.34 -7.63 23.40
C LYS A 557 5.49 -6.84 22.86
N GLY A 558 6.13 -7.31 21.79
CA GLY A 558 7.16 -6.48 21.20
C GLY A 558 8.53 -6.58 21.82
N GLY A 559 8.61 -6.82 23.11
CA GLY A 559 9.92 -7.09 23.75
C GLY A 559 9.67 -7.89 25.03
N TYR A 560 10.68 -8.63 25.46
CA TYR A 560 10.54 -9.47 26.64
C TYR A 560 11.88 -10.00 27.07
N VAL A 561 11.90 -10.55 28.29
CA VAL A 561 13.12 -11.14 28.85
C VAL A 561 13.29 -12.55 28.32
N VAL A 562 14.46 -12.87 27.81
CA VAL A 562 14.75 -14.20 27.33
C VAL A 562 15.45 -15.04 28.43
N GLN A 563 16.45 -14.46 29.11
CA GLN A 563 17.10 -15.04 30.29
C GLN A 563 17.38 -13.92 31.28
N GLY A 564 16.84 -14.11 32.49
CA GLY A 564 16.99 -13.17 33.62
C GLY A 564 18.36 -13.30 34.26
N ALA A 565 18.63 -12.54 35.32
CA ALA A 565 19.81 -12.84 36.15
C ALA A 565 19.41 -13.80 37.29
N GLU A 566 20.29 -14.73 37.68
CA GLU A 566 19.97 -15.63 38.80
C GLU A 566 19.45 -14.75 39.93
N ASN A 567 20.29 -13.89 40.49
CA ASN A 567 19.80 -12.96 41.54
C ASN A 567 19.69 -11.52 41.06
N GLU A 568 20.69 -10.71 41.38
CA GLU A 568 20.65 -9.28 41.12
C GLU A 568 21.37 -9.07 39.81
N ALA A 569 20.82 -8.23 38.92
CA ALA A 569 21.45 -8.03 37.64
C ALA A 569 22.62 -7.06 37.77
N ASP A 570 23.76 -7.44 37.21
CA ASP A 570 24.88 -6.54 36.99
C ASP A 570 24.60 -5.59 35.78
N GLY A 571 23.89 -6.11 34.77
CA GLY A 571 23.66 -5.35 33.56
C GLY A 571 22.54 -5.94 32.71
N ILE A 572 22.35 -5.35 31.52
CA ILE A 572 21.30 -5.81 30.57
C ILE A 572 21.77 -5.71 29.13
N LEU A 573 21.56 -6.80 28.39
CA LEU A 573 21.83 -6.84 26.94
C LEU A 573 20.51 -6.87 26.26
N ILE A 574 20.30 -5.87 25.42
CA ILE A 574 19.05 -5.69 24.67
C ILE A 574 19.37 -5.84 23.19
N ALA A 575 18.70 -6.76 22.53
CA ALA A 575 19.09 -7.13 21.17
C ALA A 575 17.89 -7.50 20.34
N THR A 576 18.11 -7.67 19.03
CA THR A 576 17.06 -8.00 18.05
C THR A 576 17.58 -9.05 17.13
N GLY A 577 16.67 -9.81 16.52
CA GLY A 577 17.05 -10.58 15.40
C GLY A 577 18.16 -11.53 15.72
N SER A 578 19.01 -11.74 14.74
CA SER A 578 20.16 -12.62 14.87
C SER A 578 21.11 -12.26 16.03
N GLU A 579 21.09 -11.03 16.51
CA GLU A 579 21.99 -10.63 17.56
C GLU A 579 21.54 -11.10 18.94
N VAL A 580 20.33 -11.59 19.05
CA VAL A 580 19.89 -12.10 20.34
C VAL A 580 20.69 -13.38 20.66
N GLY A 581 20.94 -14.24 19.68
CA GLY A 581 21.73 -15.45 19.98
C GLY A 581 23.13 -15.06 20.44
N LEU A 582 23.68 -14.05 19.78
CA LEU A 582 24.99 -13.50 20.16
C LEU A 582 25.02 -13.00 21.58
N ALA A 583 23.95 -12.33 21.98
CA ALA A 583 23.87 -11.78 23.34
C ALA A 583 23.81 -12.93 24.36
N LEU A 584 23.15 -14.02 23.96
CA LEU A 584 22.99 -15.22 24.85
C LEU A 584 24.30 -15.86 25.13
N LYS A 585 25.12 -16.04 24.09
CA LYS A 585 26.52 -16.41 24.23
C LYS A 585 27.29 -15.38 25.05
N ALA A 586 27.16 -14.08 24.82
CA ALA A 586 27.94 -13.16 25.64
C ALA A 586 27.49 -13.27 27.12
N LYS A 587 26.23 -13.65 27.36
CA LYS A 587 25.77 -13.81 28.72
C LYS A 587 26.54 -14.94 29.45
N GLU A 588 26.80 -16.05 28.73
CA GLU A 588 27.59 -17.20 29.24
C GLU A 588 29.02 -16.77 29.53
N GLU A 589 29.71 -16.26 28.53
CA GLU A 589 31.06 -15.76 28.73
C GLU A 589 31.14 -14.79 29.88
N LEU A 590 30.10 -13.97 30.07
CA LEU A 590 30.16 -12.94 31.14
C LEU A 590 29.83 -13.51 32.54
N GLN A 591 28.98 -14.52 32.59
CA GLN A 591 28.63 -15.17 33.85
C GLN A 591 29.91 -15.71 34.55
N LYS A 592 30.90 -16.09 33.75
CA LYS A 592 32.24 -16.38 34.25
C LYS A 592 32.70 -15.12 34.93
N LYS A 593 33.60 -14.35 34.31
CA LYS A 593 34.08 -13.06 34.84
C LYS A 593 33.25 -12.36 35.97
N GLY A 594 32.17 -12.98 36.44
CA GLY A 594 31.50 -12.54 37.67
C GLY A 594 30.39 -11.56 37.39
N LYS A 595 29.94 -11.53 36.14
CA LYS A 595 28.91 -10.58 35.68
C LYS A 595 27.62 -11.28 35.21
N ASP A 596 26.56 -11.17 35.99
CA ASP A 596 25.28 -11.79 35.68
C ASP A 596 24.35 -10.78 34.98
N VAL A 597 24.17 -10.92 33.66
CA VAL A 597 23.34 -9.93 32.89
C VAL A 597 21.98 -10.48 32.42
N ILE A 598 21.01 -9.58 32.30
CA ILE A 598 19.72 -9.93 31.67
C ILE A 598 19.89 -9.94 30.14
N VAL A 599 19.13 -10.79 29.46
CA VAL A 599 19.05 -10.71 28.01
C VAL A 599 17.57 -10.50 27.60
N VAL A 600 17.37 -9.38 26.90
CA VAL A 600 16.08 -9.01 26.33
C VAL A 600 16.10 -9.15 24.81
N SER A 601 15.04 -9.73 24.23
CA SER A 601 14.78 -9.69 22.79
C SER A 601 13.69 -8.62 22.56
N LEU A 602 13.92 -7.75 21.59
CA LEU A 602 13.03 -6.67 21.28
C LEU A 602 12.67 -6.79 19.80
N PRO A 603 11.85 -7.77 19.44
CA PRO A 603 11.54 -8.00 18.05
C PRO A 603 10.80 -6.85 17.33
N SER A 604 10.05 -6.04 18.10
CA SER A 604 9.34 -4.84 17.57
C SER A 604 9.31 -3.68 18.59
N TRP A 605 10.03 -2.62 18.24
CA TRP A 605 10.03 -1.40 19.02
C TRP A 605 8.60 -0.84 19.14
N GLU A 606 7.86 -0.84 18.05
CA GLU A 606 6.57 -0.19 18.01
C GLU A 606 5.59 -0.95 18.92
N ARG A 607 5.60 -2.25 18.81
CA ARG A 607 4.68 -3.06 19.62
C ARG A 607 5.09 -2.94 21.10
N PHE A 608 6.38 -2.91 21.36
CA PHE A 608 6.87 -2.80 22.73
C PHE A 608 6.38 -1.51 23.36
N GLU A 609 6.54 -0.39 22.64
CA GLU A 609 6.13 0.92 23.17
C GLU A 609 4.61 1.02 23.26
N ALA A 610 3.80 0.25 22.56
CA ALA A 610 2.34 0.29 22.79
C ALA A 610 1.90 -0.45 24.10
N GLN A 611 2.86 -1.05 24.79
CA GLN A 611 2.56 -1.76 26.03
C GLN A 611 2.51 -0.76 27.20
N SER A 612 1.97 -1.18 28.37
CA SER A 612 1.92 -0.29 29.53
C SER A 612 3.32 0.00 30.02
N GLU A 613 3.48 1.09 30.78
CA GLU A 613 4.78 1.46 31.42
C GLU A 613 5.13 0.39 32.45
N GLU A 614 4.11 -0.21 33.03
CA GLU A 614 4.33 -1.28 33.99
C GLU A 614 5.07 -2.49 33.35
N TYR A 615 4.49 -3.03 32.27
CA TYR A 615 5.11 -4.07 31.48
C TYR A 615 6.51 -3.72 31.06
N LYS A 616 6.70 -2.52 30.55
CA LYS A 616 8.04 -2.22 29.97
C LYS A 616 9.09 -2.20 31.05
N ASN A 617 8.72 -1.67 32.20
CA ASN A 617 9.61 -1.67 33.34
C ASN A 617 10.05 -3.05 33.81
N THR A 618 9.19 -4.07 33.62
CA THR A 618 9.54 -5.44 33.98
C THR A 618 10.62 -6.02 33.03
N VAL A 619 10.72 -5.49 31.81
CA VAL A 619 11.60 -6.05 30.76
C VAL A 619 12.92 -5.26 30.79
N ILE A 620 12.82 -3.95 30.79
CA ILE A 620 13.99 -3.08 30.89
C ILE A 620 13.83 -2.27 32.16
N PRO A 621 14.60 -2.64 33.20
CA PRO A 621 14.44 -1.97 34.50
C PRO A 621 14.79 -0.50 34.46
N PRO A 622 13.84 0.40 34.75
CA PRO A 622 14.15 1.83 34.58
C PRO A 622 15.40 2.27 35.29
N GLU A 623 15.76 1.56 36.35
CA GLU A 623 16.79 1.99 37.30
C GLU A 623 18.16 1.35 36.99
N LEU A 624 18.15 0.19 36.32
CA LEU A 624 19.40 -0.42 35.86
C LEU A 624 20.07 0.38 34.73
N LYS A 625 21.35 0.75 34.86
CA LYS A 625 21.99 1.70 33.93
C LYS A 625 23.18 1.16 33.17
N LYS A 626 23.64 -0.02 33.53
CA LYS A 626 24.67 -0.69 32.75
C LYS A 626 23.95 -1.47 31.61
N ARG A 627 23.87 -0.85 30.43
CA ARG A 627 23.18 -1.46 29.30
C ARG A 627 24.04 -1.51 28.05
N MET A 628 23.75 -2.49 27.23
CA MET A 628 24.40 -2.71 25.93
C MET A 628 23.24 -3.02 24.99
N THR A 629 23.17 -2.34 23.87
CA THR A 629 22.28 -2.68 22.81
C THR A 629 23.10 -3.27 21.68
N ILE A 630 22.49 -4.22 21.00
CA ILE A 630 23.20 -5.03 19.97
C ILE A 630 22.27 -5.31 18.77
N GLU A 631 22.60 -4.78 17.60
CA GLU A 631 21.80 -4.99 16.39
C GLU A 631 22.74 -4.77 15.21
N ALA A 632 22.69 -5.66 14.23
CA ALA A 632 23.55 -5.51 13.04
C ALA A 632 22.94 -4.48 12.11
N GLY A 633 23.14 -3.22 12.46
CA GLY A 633 22.66 -2.10 11.63
C GLY A 633 23.08 -0.82 12.31
N THR A 634 22.67 0.33 11.79
CA THR A 634 23.09 1.59 12.45
C THR A 634 22.72 1.67 13.95
N THR A 635 23.54 2.43 14.69
CA THR A 635 23.26 2.70 16.11
C THR A 635 22.26 3.82 16.27
N TYR A 636 21.96 4.53 15.20
CA TYR A 636 21.02 5.63 15.29
C TYR A 636 19.73 5.14 15.92
N GLY A 637 19.22 5.88 16.86
CA GLY A 637 18.01 5.52 17.60
C GLY A 637 18.22 4.72 18.92
N TRP A 638 19.26 3.91 18.96
CA TRP A 638 19.50 3.00 20.07
C TRP A 638 19.82 3.72 21.40
N ALA A 639 20.23 5.00 21.39
CA ALA A 639 20.50 5.66 22.63
C ALA A 639 19.27 5.69 23.53
N LYS A 640 18.10 5.59 22.93
CA LYS A 640 16.88 5.60 23.70
C LYS A 640 16.79 4.42 24.69
N TYR A 641 17.26 3.23 24.29
CA TYR A 641 17.22 2.10 25.19
C TYR A 641 18.55 1.93 25.86
N ALA A 642 19.61 2.44 25.29
CA ALA A 642 20.93 2.22 25.87
C ALA A 642 21.21 3.17 27.02
N GLY A 643 20.67 4.38 26.97
CA GLY A 643 20.86 5.38 28.06
C GLY A 643 22.20 6.12 28.04
N ASP A 644 22.30 7.19 28.82
CA ASP A 644 23.60 7.91 28.98
C ASP A 644 24.84 7.00 29.26
N HIS A 645 24.63 5.93 30.03
CA HIS A 645 25.75 5.11 30.45
C HIS A 645 25.94 3.84 29.63
N GLY A 646 25.12 3.60 28.62
CA GLY A 646 25.16 2.34 27.92
C GLY A 646 26.15 2.38 26.80
N VAL A 647 26.29 1.25 26.13
CA VAL A 647 27.19 1.08 24.99
C VAL A 647 26.34 0.53 23.83
N MET A 648 26.57 1.05 22.64
CA MET A 648 25.78 0.64 21.50
C MET A 648 26.68 -0.15 20.58
N ILE A 649 26.35 -1.42 20.36
CA ILE A 649 27.08 -2.22 19.39
C ILE A 649 26.27 -2.32 18.09
N GLY A 650 26.82 -1.81 16.98
CA GLY A 650 26.08 -1.71 15.75
C GLY A 650 27.06 -1.47 14.61
N ILE A 651 26.58 -1.10 13.41
CA ILE A 651 27.44 -0.93 12.24
C ILE A 651 26.99 0.35 11.58
N ASP A 652 27.96 1.26 11.38
CA ASP A 652 27.65 2.54 10.88
C ASP A 652 28.56 2.82 9.71
N GLU A 653 28.75 1.79 8.90
CA GLU A 653 29.58 1.91 7.73
C GLU A 653 29.07 0.90 6.73
N PHE A 654 29.40 1.00 5.44
CA PHE A 654 28.93 0.02 4.49
C PHE A 654 29.68 -1.31 4.78
N GLY A 655 29.12 -2.42 4.34
CA GLY A 655 29.75 -3.72 4.62
C GLY A 655 30.79 -4.09 3.59
N MET A 656 30.98 -5.40 3.35
CA MET A 656 32.00 -5.85 2.40
C MET A 656 31.61 -7.20 1.81
N SER A 657 32.23 -7.55 0.68
CA SER A 657 32.14 -8.87 0.04
C SER A 657 33.18 -9.82 0.63
N ALA A 658 32.69 -10.79 1.40
CA ALA A 658 33.52 -11.77 2.09
C ALA A 658 32.62 -12.90 2.65
N PRO A 659 33.19 -14.06 3.04
CA PRO A 659 32.40 -15.04 3.81
C PRO A 659 31.64 -14.41 4.98
N SER A 660 30.39 -14.84 5.12
CA SER A 660 29.50 -14.37 6.16
C SER A 660 30.21 -14.20 7.52
N ASP A 661 30.86 -15.25 8.02
CA ASP A 661 31.39 -15.24 9.40
CA ASP A 661 31.44 -15.28 9.39
C ASP A 661 32.49 -14.19 9.55
N ILE A 662 33.26 -13.95 8.49
CA ILE A 662 34.31 -12.95 8.49
C ILE A 662 33.73 -11.54 8.51
N VAL A 663 32.65 -11.33 7.75
CA VAL A 663 32.05 -9.98 7.69
C VAL A 663 31.52 -9.65 9.11
N LEU A 664 30.77 -10.56 9.68
CA LEU A 664 30.24 -10.37 11.03
C LEU A 664 31.37 -10.12 12.03
N ARG A 665 32.42 -10.95 12.00
CA ARG A 665 33.53 -10.79 12.94
C ARG A 665 34.12 -9.41 12.77
N GLU A 666 34.46 -9.04 11.55
CA GLU A 666 35.15 -7.80 11.32
C GLU A 666 34.32 -6.58 11.62
N LEU A 667 32.99 -6.67 11.58
CA LEU A 667 32.17 -5.50 11.90
C LEU A 667 31.65 -5.61 13.33
N GLY A 668 32.23 -6.55 14.09
CA GLY A 668 32.06 -6.58 15.54
C GLY A 668 30.83 -7.28 16.06
N MET A 669 30.17 -8.05 15.20
CA MET A 669 29.02 -8.84 15.57
C MET A 669 29.58 -10.16 16.00
N SER A 670 30.25 -10.13 17.15
CA SER A 670 30.88 -11.29 17.76
C SER A 670 30.80 -11.26 19.26
N VAL A 671 30.95 -12.46 19.79
CA VAL A 671 30.93 -12.64 21.22
C VAL A 671 32.13 -11.92 21.85
N GLU A 672 33.31 -12.11 21.31
CA GLU A 672 34.51 -11.53 21.86
CA GLU A 672 34.49 -11.50 21.94
C GLU A 672 34.37 -9.98 21.96
N ASN A 673 33.73 -9.35 20.95
CA ASN A 673 33.61 -7.92 20.94
C ASN A 673 32.59 -7.44 21.95
N ILE A 674 31.48 -8.14 22.05
CA ILE A 674 30.44 -7.76 23.03
C ILE A 674 30.96 -7.85 24.47
N VAL A 675 31.56 -8.99 24.79
CA VAL A 675 32.29 -9.16 26.06
C VAL A 675 33.37 -8.08 26.41
N ASP A 676 34.32 -7.84 25.53
CA ASP A 676 35.30 -6.76 25.71
C ASP A 676 34.65 -5.41 25.93
N LYS A 677 33.69 -5.06 25.07
CA LYS A 677 32.98 -3.78 25.20
C LYS A 677 32.18 -3.66 26.51
N TYR A 678 31.61 -4.75 26.98
CA TYR A 678 30.89 -4.67 28.23
C TYR A 678 31.90 -4.47 29.38
N LEU A 679 33.09 -5.02 29.25
CA LEU A 679 34.08 -4.97 30.34
C LEU A 679 34.97 -3.73 30.40
N GLU A 680 35.06 -2.92 29.36
CA GLU A 680 36.10 -1.89 29.34
C GLU A 680 35.69 -0.65 30.16
#